data_6WEP
#
_entry.id   6WEP
#
_cell.length_a   76.822
_cell.length_b   118.114
_cell.length_c   153.048
_cell.angle_alpha   90.000
_cell.angle_beta   90.000
_cell.angle_gamma   90.000
#
_symmetry.space_group_name_H-M   'P 21 21 21'
#
loop_
_entity.id
_entity.type
_entity.pdbx_description
1 polymer 'Bifunctional dihydrofolate reductase-thymidylate synthase'
2 non-polymer 'NADPH DIHYDRO-NICOTINAMIDE-ADENINE-DINUCLEOTIDE PHOSPHATE'
3 non-polymer METHOTREXATE
4 water water
#
_entity_poly.entity_id   1
_entity_poly.type   'polypeptide(L)'
_entity_poly.pdbx_seq_one_letter_code
;MSEKNVSIVVAASVLSSGIGINGQLPWSISEDLKFFSKITNNKCDSNKKNALIMGRKTWDSIGRRPLKNRIIVVISSSLP
QDEADPNVVVFRNLEDSIENLMNDDSIENIFVCGGESIYRDALKDNFVDRIYLTRVALEDIEFDTYFPEIPETFLPVYMS
QTFCTKNISYDFMIFEKQEKKTLQNCDPARGQLKSIDDTVDLLGEIFGIRKMGNRHKFPKEEIYNTPSIRFGREHYEFQY
LDLLSRVLENGAYRENRTGISTYSIFGQMMRFDMRESFPLLTTKKVAIRSIFEELIWFIKGDTNGNHLIEKKVYIWSGNG
SKEYLERIGLGHREENDLGPIYGFQWRHYNGEYKTMHDDYTGVGVDQLAKLIETLKNNPKDRRHILTAWNPSALSQMALP
PCHVLSQYYVTNDNCLSCNLYQRSCDLGLGSPFNIASYAILTMMLAQVCGYEPGELAIFIGDAHIYENHLTQLKEQLSRT
PRPFPQLKFKRKVENIEDFKWEDIELIGYYPYPTIKMDMAV
;
_entity_poly.pdbx_strand_id   A,B
#
loop_
_chem_comp.id
_chem_comp.type
_chem_comp.name
_chem_comp.formula
MTX non-polymer METHOTREXATE 'C20 H22 N8 O5'
NDP non-polymer 'NADPH DIHYDRO-NICOTINAMIDE-ADENINE-DINUCLEOTIDE PHOSPHATE' 'C21 H30 N7 O17 P3'
#
# COMPACT_ATOMS: atom_id res chain seq x y z
N GLU A 3 5.61 40.55 9.29
CA GLU A 3 5.19 39.61 8.26
C GLU A 3 5.17 38.18 8.80
N LYS A 4 4.28 37.94 9.76
CA LYS A 4 4.20 36.64 10.42
C LYS A 4 3.24 35.70 9.71
N ASN A 5 2.44 34.96 10.49
CA ASN A 5 1.55 33.93 9.95
C ASN A 5 0.18 34.11 10.57
N VAL A 6 -0.83 34.37 9.73
CA VAL A 6 -2.22 34.54 10.17
C VAL A 6 -3.04 33.37 9.67
N SER A 7 -3.80 32.75 10.57
CA SER A 7 -4.59 31.56 10.24
C SER A 7 -6.00 31.68 10.80
N ILE A 8 -6.98 31.20 10.02
CA ILE A 8 -8.37 31.15 10.45
C ILE A 8 -8.64 29.78 11.04
N VAL A 9 -9.30 29.75 12.19
CA VAL A 9 -9.71 28.51 12.86
C VAL A 9 -11.21 28.55 13.07
N VAL A 10 -11.93 27.57 12.51
CA VAL A 10 -13.38 27.55 12.56
C VAL A 10 -13.86 26.10 12.53
N ALA A 11 -14.99 25.85 13.18
CA ALA A 11 -15.71 24.58 13.08
C ALA A 11 -17.10 24.86 12.52
N ALA A 12 -17.41 24.29 11.36
CA ALA A 12 -18.66 24.59 10.67
C ALA A 12 -19.27 23.31 10.12
N SER A 13 -20.59 23.38 9.86
CA SER A 13 -21.30 22.22 9.31
C SER A 13 -20.81 21.91 7.91
N VAL A 14 -20.94 20.63 7.53
CA VAL A 14 -20.33 20.14 6.30
C VAL A 14 -21.05 20.70 5.07
N LEU A 15 -22.37 20.82 5.14
CA LEU A 15 -23.18 21.27 4.01
C LEU A 15 -23.58 22.73 4.14
N SER A 16 -24.24 23.08 5.25
CA SER A 16 -24.75 24.43 5.44
C SER A 16 -23.67 25.43 5.86
N SER A 17 -22.55 24.93 6.39
CA SER A 17 -21.42 25.77 6.82
C SER A 17 -21.84 26.73 7.94
N GLY A 18 -22.72 26.28 8.82
CA GLY A 18 -23.12 27.06 9.97
C GLY A 18 -22.20 26.88 11.16
N ILE A 19 -22.06 27.94 11.95
CA ILE A 19 -21.10 27.95 13.06
C ILE A 19 -21.74 28.28 14.40
N GLY A 20 -22.94 28.85 14.45
CA GLY A 20 -23.52 29.22 15.73
C GLY A 20 -25.03 29.31 15.67
N ILE A 21 -25.64 29.26 16.86
CA ILE A 21 -27.08 29.36 17.00
C ILE A 21 -27.42 30.01 18.34
N ASN A 22 -28.11 31.15 18.30
CA ASN A 22 -28.54 31.86 19.52
C ASN A 22 -27.37 32.20 20.43
N GLY A 23 -26.27 32.66 19.83
CA GLY A 23 -25.12 33.09 20.59
C GLY A 23 -24.28 32.00 21.21
N GLN A 24 -24.49 30.75 20.83
CA GLN A 24 -23.72 29.63 21.37
C GLN A 24 -23.32 28.70 20.23
N LEU A 25 -22.54 27.69 20.57
CA LEU A 25 -22.17 26.67 19.57
C LEU A 25 -23.35 25.73 19.31
N PRO A 26 -23.52 25.28 18.07
CA PRO A 26 -24.60 24.32 17.79
C PRO A 26 -24.31 22.91 18.27
N TRP A 27 -23.11 22.65 18.79
CA TRP A 27 -22.72 21.31 19.19
C TRP A 27 -21.82 21.40 20.41
N SER A 28 -21.47 20.23 20.95
CA SER A 28 -20.56 20.11 22.09
C SER A 28 -19.60 18.95 21.80
N ILE A 29 -18.55 19.25 21.04
CA ILE A 29 -17.55 18.26 20.64
C ILE A 29 -16.29 18.54 21.44
N SER A 30 -16.03 17.70 22.44
CA SER A 30 -14.93 17.94 23.36
C SER A 30 -13.59 17.99 22.63
N GLU A 31 -13.37 17.07 21.68
CA GLU A 31 -12.08 17.03 20.98
C GLU A 31 -11.88 18.22 20.06
N ASP A 32 -12.96 18.87 19.60
CA ASP A 32 -12.81 20.05 18.76
C ASP A 32 -12.19 21.20 19.56
N LEU A 33 -12.67 21.43 20.77
CA LEU A 33 -12.08 22.47 21.61
C LEU A 33 -10.63 22.14 21.96
N LYS A 34 -10.33 20.86 22.18
CA LYS A 34 -8.95 20.47 22.41
C LYS A 34 -8.08 20.77 21.20
N PHE A 35 -8.61 20.52 20.00
CA PHE A 35 -7.88 20.89 18.79
C PHE A 35 -7.68 22.39 18.70
N PHE A 36 -8.70 23.16 19.10
CA PHE A 36 -8.58 24.61 19.09
C PHE A 36 -7.46 25.08 20.02
N SER A 37 -7.34 24.46 21.21
CA SER A 37 -6.33 24.87 22.16
C SER A 37 -4.93 24.48 21.69
N LYS A 38 -4.80 23.31 21.06
CA LYS A 38 -3.49 22.86 20.66
C LYS A 38 -2.99 23.61 19.42
N ILE A 39 -3.90 24.03 18.56
CA ILE A 39 -3.49 24.75 17.35
C ILE A 39 -3.18 26.21 17.68
N THR A 40 -3.79 26.77 18.71
CA THR A 40 -3.58 28.17 19.06
C THR A 40 -2.46 28.37 20.08
N ASN A 41 -2.04 27.32 20.77
CA ASN A 41 -0.88 27.40 21.65
C ASN A 41 0.41 26.98 20.96
N ASN A 42 0.32 26.37 19.78
CA ASN A 42 1.51 25.84 19.10
C ASN A 42 2.42 26.98 18.68
N LYS A 43 3.53 27.15 19.39
CA LYS A 43 4.52 28.17 19.05
C LYS A 43 5.91 27.57 19.20
N CYS A 44 6.90 28.31 18.72
CA CYS A 44 8.30 27.88 18.77
C CYS A 44 9.11 28.59 19.84
N ASP A 45 8.95 29.91 19.99
CA ASP A 45 9.69 30.68 20.97
C ASP A 45 8.95 30.70 22.30
N SER A 46 9.68 30.39 23.37
CA SER A 46 9.07 30.35 24.70
C SER A 46 8.75 31.73 25.25
N ASN A 47 9.37 32.78 24.71
CA ASN A 47 9.16 34.13 25.24
C ASN A 47 8.07 34.90 24.50
N LYS A 48 7.59 34.40 23.37
CA LYS A 48 6.49 35.02 22.65
C LYS A 48 5.18 34.30 22.97
N LYS A 49 4.07 34.94 22.58
CA LYS A 49 2.74 34.39 22.75
C LYS A 49 2.01 34.41 21.41
N ASN A 50 0.90 33.69 21.34
CA ASN A 50 0.03 33.72 20.17
C ASN A 50 -1.18 34.61 20.43
N ALA A 51 -1.70 35.21 19.36
CA ALA A 51 -2.81 36.15 19.46
C ALA A 51 -4.06 35.56 18.83
N LEU A 52 -5.20 35.75 19.49
CA LEU A 52 -6.49 35.23 19.04
C LEU A 52 -7.44 36.40 18.83
N ILE A 53 -7.87 36.60 17.59
CA ILE A 53 -8.78 37.68 17.22
C ILE A 53 -10.20 37.14 17.17
N MET A 54 -11.13 37.90 17.74
CA MET A 54 -12.53 37.51 17.72
C MET A 54 -13.40 38.75 17.92
N GLY A 55 -14.64 38.70 17.42
CA GLY A 55 -15.58 39.76 17.61
C GLY A 55 -16.16 39.79 19.02
N ARG A 56 -16.87 40.88 19.32
CA ARG A 56 -17.45 41.03 20.66
C ARG A 56 -18.43 39.91 20.97
N LYS A 57 -19.30 39.57 20.02
CA LYS A 57 -20.29 38.53 20.27
C LYS A 57 -19.62 37.19 20.53
N THR A 58 -18.54 36.89 19.80
CA THR A 58 -17.75 35.70 20.09
C THR A 58 -17.07 35.82 21.46
N TRP A 59 -16.59 37.01 21.78
CA TRP A 59 -16.05 37.26 23.12
C TRP A 59 -17.12 37.06 24.19
N ASP A 60 -18.35 37.52 23.92
CA ASP A 60 -19.45 37.22 24.82
C ASP A 60 -19.82 35.74 24.77
N SER A 61 -19.60 35.10 23.62
CA SER A 61 -19.97 33.69 23.46
C SER A 61 -19.15 32.80 24.38
N ILE A 62 -17.86 33.10 24.55
CA ILE A 62 -16.98 32.26 25.37
C ILE A 62 -16.99 32.77 26.81
N GLY A 63 -17.89 33.69 27.11
CA GLY A 63 -18.09 34.12 28.48
C GLY A 63 -17.13 35.18 28.98
N ARG A 64 -16.43 35.87 28.08
CA ARG A 64 -15.50 36.94 28.45
C ARG A 64 -14.47 36.46 29.47
N ARG A 65 -14.08 35.20 29.36
CA ARG A 65 -13.05 34.60 30.20
C ARG A 65 -11.79 34.39 29.36
N PRO A 66 -10.62 34.73 29.88
CA PRO A 66 -9.41 34.64 29.07
C PRO A 66 -9.03 33.20 28.78
N LEU A 67 -8.02 33.05 27.93
CA LEU A 67 -7.47 31.75 27.56
C LEU A 67 -5.99 31.69 27.95
N LYS A 68 -5.59 30.60 28.60
CA LYS A 68 -4.24 30.50 29.14
C LYS A 68 -3.20 30.52 28.03
N ASN A 69 -2.12 31.25 28.27
CA ASN A 69 -0.94 31.31 27.40
C ASN A 69 -1.24 31.94 26.05
N ARG A 70 -2.32 32.71 25.94
CA ARG A 70 -2.68 33.33 24.68
C ARG A 70 -3.21 34.74 24.94
N ILE A 71 -3.06 35.60 23.95
CA ILE A 71 -3.59 36.97 23.99
C ILE A 71 -4.86 37.00 23.14
N ILE A 72 -5.93 37.51 23.72
CA ILE A 72 -7.21 37.63 23.02
C ILE A 72 -7.39 39.07 22.56
N VAL A 73 -7.58 39.24 21.26
CA VAL A 73 -7.85 40.54 20.65
C VAL A 73 -9.33 40.58 20.29
N VAL A 74 -10.06 41.50 20.91
CA VAL A 74 -11.49 41.64 20.69
C VAL A 74 -11.74 42.87 19.83
N ILE A 75 -12.52 42.69 18.77
CA ILE A 75 -12.86 43.78 17.85
C ILE A 75 -14.24 44.29 18.25
N SER A 76 -14.29 45.47 18.83
CA SER A 76 -15.55 46.07 19.25
C SER A 76 -15.47 47.58 19.11
N SER A 77 -16.64 48.20 18.98
CA SER A 77 -16.75 49.65 18.88
C SER A 77 -17.35 50.28 20.14
N SER A 78 -17.55 49.48 21.19
CA SER A 78 -18.16 49.98 22.42
C SER A 78 -17.39 49.51 23.64
N LEU A 79 -16.71 48.38 23.53
CA LEU A 79 -16.01 47.82 24.67
C LEU A 79 -14.94 48.78 25.19
N PRO A 80 -14.72 48.84 26.50
CA PRO A 80 -13.69 49.74 27.03
C PRO A 80 -12.32 49.13 26.95
N GLN A 81 -11.32 49.99 26.77
CA GLN A 81 -9.93 49.59 26.67
C GLN A 81 -9.20 49.94 27.97
N ASP A 82 -8.71 48.91 28.67
CA ASP A 82 -7.92 49.12 29.87
C ASP A 82 -6.72 48.18 29.84
N GLU A 83 -5.56 48.71 30.22
CA GLU A 83 -4.32 47.93 30.21
C GLU A 83 -4.14 47.10 31.48
N ALA A 84 -5.17 47.03 32.33
CA ALA A 84 -5.06 46.26 33.56
C ALA A 84 -4.99 44.76 33.31
N ASP A 85 -5.52 44.30 32.17
CA ASP A 85 -5.48 42.88 31.82
C ASP A 85 -4.74 42.73 30.50
N PRO A 86 -3.53 42.17 30.49
CA PRO A 86 -2.81 41.98 29.22
C PRO A 86 -3.28 40.79 28.41
N ASN A 87 -4.18 39.97 28.94
CA ASN A 87 -4.67 38.82 28.18
C ASN A 87 -5.80 39.19 27.22
N VAL A 88 -6.45 40.33 27.43
CA VAL A 88 -7.55 40.77 26.57
C VAL A 88 -7.24 42.18 26.11
N VAL A 89 -7.21 42.37 24.79
CA VAL A 89 -6.95 43.68 24.17
C VAL A 89 -8.13 43.99 23.25
N VAL A 90 -8.54 45.25 23.22
CA VAL A 90 -9.71 45.69 22.47
C VAL A 90 -9.26 46.65 21.38
N PHE A 91 -9.66 46.39 20.14
CA PHE A 91 -9.41 47.25 19.01
C PHE A 91 -10.74 47.64 18.36
N ARG A 92 -10.69 48.71 17.56
CA ARG A 92 -11.90 49.26 16.97
C ARG A 92 -12.21 48.72 15.58
N ASN A 93 -11.25 48.12 14.90
CA ASN A 93 -11.51 47.49 13.62
C ASN A 93 -10.47 46.41 13.38
N LEU A 94 -10.83 45.46 12.51
CA LEU A 94 -9.96 44.32 12.26
C LEU A 94 -8.67 44.73 11.56
N GLU A 95 -8.77 45.60 10.55
CA GLU A 95 -7.60 45.99 9.77
C GLU A 95 -6.54 46.63 10.66
N ASP A 96 -6.93 47.60 11.50
CA ASP A 96 -5.98 48.25 12.38
C ASP A 96 -5.57 47.36 13.56
N SER A 97 -6.30 46.28 13.82
CA SER A 97 -5.89 45.34 14.86
C SER A 97 -4.76 44.44 14.39
N ILE A 98 -4.53 44.35 13.09
CA ILE A 98 -3.39 43.61 12.56
C ILE A 98 -2.18 44.52 12.62
N GLU A 99 -1.84 44.96 13.83
CA GLU A 99 -0.57 45.60 14.14
C GLU A 99 0.34 44.67 14.91
N ASN A 100 -0.10 43.43 15.15
CA ASN A 100 0.71 42.47 15.88
C ASN A 100 1.97 42.11 15.10
N LEU A 101 1.91 42.14 13.77
CA LEU A 101 3.12 41.87 12.99
C LEU A 101 4.05 43.08 12.97
N MET A 102 3.50 44.29 12.85
CA MET A 102 4.33 45.48 12.70
C MET A 102 4.89 45.94 14.04
N ASN A 103 4.05 46.08 15.05
CA ASN A 103 4.44 46.76 16.28
C ASN A 103 4.93 45.80 17.36
N ASP A 104 4.16 44.75 17.65
CA ASP A 104 4.45 43.89 18.80
C ASP A 104 5.32 42.73 18.34
N ASP A 105 6.52 42.63 18.91
CA ASP A 105 7.44 41.54 18.61
C ASP A 105 7.37 40.43 19.64
N SER A 106 6.38 40.48 20.55
CA SER A 106 6.15 39.43 21.52
C SER A 106 5.02 38.49 21.10
N ILE A 107 4.74 38.44 19.79
CA ILE A 107 3.69 37.61 19.23
C ILE A 107 4.28 36.84 18.06
N GLU A 108 4.04 35.53 18.03
CA GLU A 108 4.58 34.69 16.97
C GLU A 108 3.57 34.45 15.84
N ASN A 109 2.37 33.97 16.18
CA ASN A 109 1.37 33.64 15.19
C ASN A 109 0.02 34.23 15.60
N ILE A 110 -0.76 34.65 14.61
CA ILE A 110 -2.08 35.22 14.83
C ILE A 110 -3.12 34.22 14.35
N PHE A 111 -4.26 34.20 15.03
CA PHE A 111 -5.36 33.32 14.68
C PHE A 111 -6.65 34.12 14.64
N VAL A 112 -7.43 33.92 13.59
CA VAL A 112 -8.73 34.57 13.44
C VAL A 112 -9.81 33.52 13.72
N CYS A 113 -10.66 33.80 14.70
CA CYS A 113 -11.65 32.81 15.13
C CYS A 113 -12.83 33.45 15.84
N GLY A 114 -13.59 34.31 15.15
CA GLY A 114 -14.60 35.09 15.83
C GLY A 114 -15.79 35.54 15.00
N GLY A 115 -16.71 34.62 14.71
CA GLY A 115 -17.96 34.99 14.08
C GLY A 115 -17.84 35.34 12.61
N GLU A 116 -18.97 35.40 11.92
CA GLU A 116 -18.93 35.63 10.48
C GLU A 116 -18.57 37.08 10.15
N SER A 117 -18.88 38.01 11.05
CA SER A 117 -18.52 39.41 10.79
C SER A 117 -17.01 39.55 10.62
N ILE A 118 -16.23 38.79 11.37
CA ILE A 118 -14.78 38.83 11.27
C ILE A 118 -14.26 37.87 10.21
N TYR A 119 -14.89 36.70 10.08
CA TYR A 119 -14.51 35.77 9.02
C TYR A 119 -14.71 36.40 7.64
N ARG A 120 -15.81 37.12 7.45
CA ARG A 120 -16.08 37.74 6.15
C ARG A 120 -15.03 38.79 5.81
N ASP A 121 -14.71 39.67 6.77
CA ASP A 121 -13.75 40.72 6.50
C ASP A 121 -12.34 40.16 6.34
N ALA A 122 -11.99 39.15 7.13
CA ALA A 122 -10.64 38.58 7.05
C ALA A 122 -10.39 37.89 5.72
N LEU A 123 -11.42 37.28 5.13
CA LEU A 123 -11.26 36.60 3.85
C LEU A 123 -11.18 37.59 2.69
N LYS A 124 -11.86 38.73 2.80
CA LYS A 124 -11.86 39.73 1.73
C LYS A 124 -10.60 40.59 1.71
N ASP A 125 -9.85 40.65 2.81
CA ASP A 125 -8.72 41.57 2.93
C ASP A 125 -7.37 40.95 2.58
N ASN A 126 -7.35 39.70 2.11
CA ASN A 126 -6.16 39.07 1.54
C ASN A 126 -4.96 39.05 2.48
N PHE A 127 -5.18 38.97 3.80
CA PHE A 127 -4.07 38.82 4.73
C PHE A 127 -3.98 37.43 5.35
N VAL A 128 -4.99 36.57 5.14
CA VAL A 128 -5.06 35.26 5.77
C VAL A 128 -4.30 34.26 4.91
N ASP A 129 -3.41 33.49 5.53
CA ASP A 129 -2.57 32.54 4.83
C ASP A 129 -3.03 31.10 4.96
N ARG A 130 -3.93 30.79 5.88
CA ARG A 130 -4.30 29.41 6.13
C ARG A 130 -5.65 29.34 6.83
N ILE A 131 -6.37 28.26 6.59
CA ILE A 131 -7.69 28.04 7.19
C ILE A 131 -7.70 26.65 7.81
N TYR A 132 -7.92 26.59 9.13
CA TYR A 132 -8.09 25.33 9.85
C TYR A 132 -9.59 25.10 10.02
N LEU A 133 -10.12 24.13 9.28
CA LEU A 133 -11.57 23.89 9.24
C LEU A 133 -11.89 22.55 9.86
N THR A 134 -12.82 22.53 10.80
CA THR A 134 -13.40 21.32 11.35
C THR A 134 -14.80 21.16 10.76
N ARG A 135 -15.00 20.09 10.00
CA ARG A 135 -16.26 19.87 9.29
C ARG A 135 -17.18 19.01 10.15
N VAL A 136 -18.11 19.65 10.86
CA VAL A 136 -19.05 18.94 11.73
C VAL A 136 -20.22 18.44 10.90
N ALA A 137 -20.63 17.19 11.16
CA ALA A 137 -21.71 16.56 10.40
C ALA A 137 -23.03 16.71 11.14
N LEU A 138 -23.51 17.95 11.20
CA LEU A 138 -24.79 18.27 11.84
C LEU A 138 -25.54 19.23 10.95
N GLU A 139 -26.75 18.84 10.54
CA GLU A 139 -27.58 19.67 9.69
C GLU A 139 -29.03 19.76 10.14
N ASP A 140 -29.46 18.94 11.09
CA ASP A 140 -30.86 18.96 11.50
C ASP A 140 -31.25 20.27 12.15
N ILE A 141 -30.37 20.82 12.99
CA ILE A 141 -30.65 22.05 13.71
C ILE A 141 -30.42 23.26 12.80
N GLU A 142 -30.92 24.42 13.21
CA GLU A 142 -30.79 25.65 12.44
C GLU A 142 -29.71 26.54 13.02
N PHE A 143 -29.09 27.33 12.14
CA PHE A 143 -28.04 28.26 12.54
C PHE A 143 -28.47 29.68 12.20
N ASP A 144 -27.92 30.65 12.95
CA ASP A 144 -28.10 32.05 12.64
C ASP A 144 -26.80 32.75 12.25
N THR A 145 -25.66 32.08 12.43
CA THR A 145 -24.38 32.60 11.99
C THR A 145 -23.64 31.50 11.23
N TYR A 146 -23.20 31.81 10.02
CA TYR A 146 -22.60 30.83 9.14
C TYR A 146 -21.16 31.21 8.83
N PHE A 147 -20.39 30.24 8.34
CA PHE A 147 -19.04 30.55 7.89
C PHE A 147 -19.08 30.91 6.41
N PRO A 148 -18.50 32.05 6.00
CA PRO A 148 -18.57 32.44 4.60
C PRO A 148 -17.87 31.44 3.69
N GLU A 149 -18.26 31.45 2.42
CA GLU A 149 -17.70 30.51 1.46
C GLU A 149 -16.20 30.77 1.30
N ILE A 150 -15.44 29.69 1.15
CA ILE A 150 -13.99 29.80 1.02
C ILE A 150 -13.67 30.26 -0.39
N PRO A 151 -12.99 31.39 -0.55
CA PRO A 151 -12.67 31.88 -1.90
C PRO A 151 -11.78 30.91 -2.66
N GLU A 152 -11.83 31.01 -3.98
CA GLU A 152 -11.08 30.10 -4.84
C GLU A 152 -9.57 30.23 -4.66
N THR A 153 -9.10 31.31 -4.02
CA THR A 153 -7.67 31.49 -3.81
C THR A 153 -7.09 30.48 -2.82
N PHE A 154 -7.92 29.89 -1.95
CA PHE A 154 -7.47 28.86 -1.03
C PHE A 154 -7.66 27.48 -1.66
N LEU A 155 -6.79 26.55 -1.28
CA LEU A 155 -6.86 25.19 -1.79
C LEU A 155 -6.68 24.19 -0.65
N PRO A 156 -7.43 23.09 -0.65
CA PRO A 156 -7.29 22.09 0.42
C PRO A 156 -5.94 21.38 0.30
N VAL A 157 -5.25 21.27 1.44
CA VAL A 157 -3.97 20.58 1.49
C VAL A 157 -3.97 19.42 2.47
N TYR A 158 -5.00 19.27 3.31
CA TYR A 158 -5.06 18.21 4.29
C TYR A 158 -6.51 17.91 4.63
N MET A 159 -6.82 16.62 4.76
CA MET A 159 -8.15 16.17 5.17
C MET A 159 -7.97 14.93 6.03
N SER A 160 -8.20 15.09 7.34
CA SER A 160 -7.99 14.02 8.29
C SER A 160 -9.02 12.92 8.11
N GLN A 161 -8.80 11.81 8.81
CA GLN A 161 -9.81 10.76 8.87
C GLN A 161 -11.05 11.27 9.58
N THR A 162 -12.12 10.49 9.52
CA THR A 162 -13.34 10.86 10.22
C THR A 162 -13.27 10.39 11.67
N PHE A 163 -13.65 11.28 12.59
CA PHE A 163 -13.72 10.97 14.01
C PHE A 163 -15.18 10.99 14.47
N CYS A 164 -15.39 10.51 15.69
CA CYS A 164 -16.73 10.41 16.26
C CYS A 164 -16.73 10.94 17.69
N THR A 165 -17.79 11.65 18.05
CA THR A 165 -18.00 12.13 19.42
C THR A 165 -19.49 12.27 19.63
N LYS A 166 -20.05 11.44 20.52
CA LYS A 166 -21.50 11.38 20.74
C LYS A 166 -22.24 11.10 19.43
N ASN A 167 -21.73 10.14 18.67
CA ASN A 167 -22.31 9.70 17.40
C ASN A 167 -22.33 10.82 16.36
N ILE A 168 -21.43 11.79 16.49
CA ILE A 168 -21.32 12.91 15.57
C ILE A 168 -19.98 12.81 14.86
N SER A 169 -20.02 12.86 13.53
CA SER A 169 -18.81 12.74 12.72
C SER A 169 -18.24 14.13 12.41
N TYR A 170 -16.92 14.20 12.34
CA TYR A 170 -16.27 15.44 11.99
C TYR A 170 -14.87 15.17 11.46
N ASP A 171 -14.43 16.05 10.56
CA ASP A 171 -13.13 16.01 9.93
C ASP A 171 -12.29 17.17 10.43
N PHE A 172 -11.03 17.19 10.00
CA PHE A 172 -10.15 18.34 10.19
C PHE A 172 -9.50 18.62 8.85
N MET A 173 -9.61 19.86 8.38
CA MET A 173 -9.09 20.23 7.08
C MET A 173 -8.20 21.46 7.20
N ILE A 174 -7.26 21.56 6.28
CA ILE A 174 -6.37 22.72 6.17
C ILE A 174 -6.49 23.25 4.75
N PHE A 175 -6.58 24.57 4.64
CA PHE A 175 -6.57 25.27 3.37
C PHE A 175 -5.42 26.28 3.36
N GLU A 176 -4.73 26.37 2.23
CA GLU A 176 -3.57 27.24 2.11
C GLU A 176 -3.75 28.12 0.88
N LYS A 177 -3.49 29.42 1.03
CA LYS A 177 -3.53 30.30 -0.12
C LYS A 177 -2.34 29.98 -1.03
N GLN A 178 -2.63 29.66 -2.27
CA GLN A 178 -1.60 29.32 -3.25
C GLN A 178 -1.88 29.97 -4.59
N LEU A 193 15.89 15.14 -3.35
CA LEU A 193 15.24 16.39 -3.70
C LEU A 193 14.61 16.33 -5.09
N LYS A 194 15.21 17.02 -6.04
CA LYS A 194 14.72 17.08 -7.42
C LYS A 194 15.52 16.20 -8.36
N SER A 195 16.79 15.92 -8.03
CA SER A 195 17.58 15.00 -8.85
C SER A 195 17.00 13.59 -8.85
N ILE A 196 16.22 13.24 -7.83
CA ILE A 196 15.60 11.92 -7.80
C ILE A 196 14.53 11.80 -8.87
N ASP A 197 13.64 12.80 -8.96
CA ASP A 197 12.57 12.74 -9.95
C ASP A 197 13.11 12.77 -11.37
N ASP A 198 14.20 13.53 -11.59
CA ASP A 198 14.80 13.55 -12.92
C ASP A 198 15.53 12.25 -13.23
N THR A 199 16.12 11.61 -12.22
CA THR A 199 16.77 10.33 -12.45
C THR A 199 15.76 9.22 -12.71
N VAL A 200 14.62 9.25 -12.01
CA VAL A 200 13.60 8.23 -12.22
C VAL A 200 12.96 8.38 -13.59
N ASP A 201 12.73 9.62 -14.04
CA ASP A 201 12.17 9.81 -15.36
C ASP A 201 13.14 9.38 -16.45
N LEU A 202 14.44 9.62 -16.25
CA LEU A 202 15.43 9.16 -17.23
C LEU A 202 15.50 7.64 -17.27
N LEU A 203 15.42 6.98 -16.10
CA LEU A 203 15.39 5.53 -16.09
C LEU A 203 14.13 4.99 -16.77
N GLY A 204 13.01 5.70 -16.64
CA GLY A 204 11.78 5.27 -17.30
C GLY A 204 11.79 5.45 -18.80
N GLU A 205 12.71 6.25 -19.33
CA GLU A 205 12.84 6.39 -20.78
C GLU A 205 13.71 5.28 -21.36
N ILE A 206 14.74 4.88 -20.63
CA ILE A 206 15.63 3.81 -21.09
C ILE A 206 14.91 2.48 -21.10
N PHE A 207 14.31 2.11 -19.96
CA PHE A 207 13.50 0.90 -19.87
C PHE A 207 12.05 1.25 -20.14
N GLY A 208 11.39 0.44 -20.96
CA GLY A 208 10.00 0.69 -21.26
C GLY A 208 9.09 0.13 -20.18
N ILE A 209 8.38 -0.95 -20.50
CA ILE A 209 7.58 -1.67 -19.53
C ILE A 209 8.51 -2.51 -18.64
N ARG A 210 9.82 -2.44 -18.91
CA ARG A 210 10.76 -3.17 -18.07
C ARG A 210 10.91 -2.56 -16.68
N LYS A 211 10.61 -1.28 -16.52
CA LYS A 211 10.64 -0.63 -15.21
C LYS A 211 9.25 -0.68 -14.60
N MET A 212 9.15 -1.25 -13.39
CA MET A 212 7.84 -1.45 -12.77
C MET A 212 7.13 -0.14 -12.50
N GLY A 213 7.89 0.95 -12.30
CA GLY A 213 7.26 2.24 -12.09
C GLY A 213 6.44 2.70 -13.27
N ASN A 214 6.86 2.35 -14.49
CA ASN A 214 6.10 2.70 -15.68
C ASN A 214 4.83 1.87 -15.82
N ARG A 215 4.77 0.72 -15.16
CA ARG A 215 3.54 -0.06 -15.10
C ARG A 215 2.62 0.38 -13.97
N HIS A 216 3.14 1.15 -13.01
CA HIS A 216 2.35 1.69 -11.91
C HIS A 216 2.54 3.20 -11.84
N LYS A 217 2.25 3.88 -12.94
CA LYS A 217 2.36 5.34 -12.99
C LYS A 217 1.38 5.98 -12.01
N PHE A 218 1.79 7.13 -11.47
CA PHE A 218 0.88 7.91 -10.65
C PHE A 218 -0.16 8.58 -11.54
N PRO A 219 -1.44 8.59 -11.12
CA PRO A 219 -2.48 9.15 -11.99
C PRO A 219 -2.27 10.64 -12.24
N LYS A 220 -2.65 11.06 -13.44
CA LYS A 220 -2.49 12.45 -13.84
C LYS A 220 -3.47 13.36 -13.08
N GLU A 221 -3.13 14.64 -13.06
CA GLU A 221 -3.92 15.62 -12.32
C GLU A 221 -5.36 15.70 -12.82
N GLU A 222 -5.62 15.27 -14.05
CA GLU A 222 -6.96 15.36 -14.62
C GLU A 222 -7.88 14.23 -14.16
N ILE A 223 -7.35 13.23 -13.44
CA ILE A 223 -8.17 12.12 -12.95
C ILE A 223 -7.86 11.87 -11.49
N TYR A 224 -7.22 12.82 -10.83
CA TYR A 224 -6.89 12.72 -9.42
C TYR A 224 -7.89 13.51 -8.60
N ASN A 225 -8.55 12.86 -7.64
CA ASN A 225 -9.54 13.53 -6.82
C ASN A 225 -8.87 14.51 -5.86
N THR A 226 -9.21 15.79 -5.98
CA THR A 226 -8.68 16.86 -5.15
C THR A 226 -7.15 16.85 -5.21
N PRO A 227 -6.56 17.25 -6.35
CA PRO A 227 -5.10 17.12 -6.50
C PRO A 227 -4.30 18.01 -5.55
N SER A 228 -4.88 19.11 -5.05
CA SER A 228 -4.14 19.98 -4.16
C SER A 228 -3.81 19.31 -2.83
N ILE A 229 -4.58 18.30 -2.44
CA ILE A 229 -4.24 17.49 -1.26
C ILE A 229 -3.20 16.46 -1.69
N ARG A 230 -1.92 16.82 -1.63
CA ARG A 230 -0.87 15.93 -2.08
C ARG A 230 -0.27 15.08 -0.97
N PHE A 231 -0.28 15.57 0.27
CA PHE A 231 0.31 14.85 1.39
C PHE A 231 -0.66 14.55 2.52
N GLY A 232 -1.81 15.21 2.58
CA GLY A 232 -2.73 15.01 3.67
C GLY A 232 -3.94 14.17 3.32
N ARG A 233 -3.73 13.12 2.53
CA ARG A 233 -4.82 12.23 2.14
C ARG A 233 -5.11 11.21 3.24
N GLU A 234 -5.43 11.74 4.42
CA GLU A 234 -5.68 10.89 5.57
C GLU A 234 -7.07 10.27 5.52
N HIS A 235 -8.06 11.03 5.06
CA HIS A 235 -9.42 10.52 4.93
C HIS A 235 -9.44 9.26 4.07
N TYR A 236 -9.97 8.18 4.63
CA TYR A 236 -9.84 6.86 4.03
C TYR A 236 -10.76 6.61 2.85
N GLU A 237 -11.66 7.56 2.52
CA GLU A 237 -12.36 7.44 1.25
C GLU A 237 -11.40 7.61 0.08
N PHE A 238 -10.29 8.32 0.29
CA PHE A 238 -9.25 8.41 -0.73
C PHE A 238 -8.69 7.03 -1.08
N GLN A 239 -8.77 6.06 -0.16
CA GLN A 239 -8.30 4.71 -0.47
C GLN A 239 -9.06 4.12 -1.65
N TYR A 240 -10.36 4.43 -1.75
CA TYR A 240 -11.15 3.98 -2.89
C TYR A 240 -10.95 4.90 -4.09
N LEU A 241 -10.99 6.21 -3.87
CA LEU A 241 -10.88 7.16 -4.98
C LEU A 241 -9.53 7.03 -5.68
N ASP A 242 -8.45 6.85 -4.91
CA ASP A 242 -7.13 6.75 -5.53
C ASP A 242 -6.97 5.43 -6.27
N LEU A 243 -7.63 4.37 -5.80
CA LEU A 243 -7.66 3.13 -6.57
C LEU A 243 -8.40 3.32 -7.88
N LEU A 244 -9.49 4.09 -7.85
CA LEU A 244 -10.20 4.42 -9.08
C LEU A 244 -9.30 5.17 -10.05
N SER A 245 -8.46 6.06 -9.52
CA SER A 245 -7.57 6.83 -10.37
C SER A 245 -6.45 5.98 -10.96
N ARG A 246 -5.97 4.98 -10.21
CA ARG A 246 -4.89 4.14 -10.71
C ARG A 246 -5.35 3.29 -11.88
N VAL A 247 -6.60 2.83 -11.86
CA VAL A 247 -7.12 2.08 -13.00
C VAL A 247 -7.25 2.99 -14.21
N LEU A 248 -7.71 4.22 -14.01
CA LEU A 248 -7.84 5.15 -15.13
C LEU A 248 -6.49 5.56 -15.71
N GLU A 249 -5.41 5.45 -14.96
CA GLU A 249 -4.12 5.89 -15.46
C GLU A 249 -3.41 4.81 -16.27
N ASN A 250 -3.32 3.59 -15.72
CA ASN A 250 -2.57 2.52 -16.37
C ASN A 250 -3.36 1.22 -16.44
N GLY A 251 -4.67 1.32 -16.61
CA GLY A 251 -5.47 0.13 -16.83
C GLY A 251 -5.37 -0.35 -18.27
N ALA A 252 -5.24 -1.67 -18.41
CA ALA A 252 -5.10 -2.29 -19.73
C ALA A 252 -6.47 -2.63 -20.30
N TYR A 253 -6.66 -2.31 -21.58
CA TYR A 253 -7.93 -2.62 -22.24
C TYR A 253 -8.11 -4.12 -22.37
N ARG A 254 -9.30 -4.60 -22.01
CA ARG A 254 -9.58 -6.03 -22.00
C ARG A 254 -10.99 -6.28 -22.52
N GLU A 255 -11.10 -6.90 -23.70
CA GLU A 255 -12.40 -7.41 -24.11
C GLU A 255 -12.76 -8.61 -23.25
N ASN A 256 -14.03 -8.97 -23.24
CA ASN A 256 -14.50 -10.02 -22.34
C ASN A 256 -15.57 -10.85 -23.05
N ARG A 257 -16.39 -11.53 -22.25
CA ARG A 257 -17.38 -12.48 -22.77
C ARG A 257 -18.41 -11.78 -23.65
N THR A 258 -18.92 -10.64 -23.20
CA THR A 258 -19.95 -9.93 -23.96
C THR A 258 -19.32 -8.80 -24.76
N GLY A 259 -19.79 -7.57 -24.52
CA GLY A 259 -19.25 -6.41 -25.22
C GLY A 259 -18.81 -5.33 -24.25
N ILE A 260 -19.04 -5.57 -22.96
CA ILE A 260 -18.67 -4.63 -21.90
C ILE A 260 -17.17 -4.75 -21.68
N SER A 261 -16.39 -3.87 -22.31
CA SER A 261 -14.94 -3.92 -22.17
C SER A 261 -14.53 -3.23 -20.87
N THR A 262 -13.43 -3.69 -20.29
CA THR A 262 -12.94 -3.16 -19.02
C THR A 262 -11.51 -2.65 -19.16
N TYR A 263 -11.02 -2.06 -18.07
CA TYR A 263 -9.63 -1.65 -17.91
C TYR A 263 -9.15 -2.20 -16.59
N SER A 264 -8.14 -3.06 -16.61
CA SER A 264 -7.75 -3.83 -15.44
C SER A 264 -6.33 -3.52 -15.00
N ILE A 265 -6.13 -3.49 -13.68
CA ILE A 265 -4.82 -3.56 -13.05
C ILE A 265 -4.90 -4.63 -11.97
N PHE A 266 -3.77 -5.31 -11.74
CA PHE A 266 -3.74 -6.51 -10.90
C PHE A 266 -3.01 -6.24 -9.60
N GLY A 267 -3.60 -6.67 -8.50
CA GLY A 267 -2.98 -6.54 -7.19
C GLY A 267 -3.08 -5.15 -6.60
N GLN A 268 -4.17 -4.89 -5.88
CA GLN A 268 -4.40 -3.59 -5.27
C GLN A 268 -4.91 -3.78 -3.85
N MET A 269 -4.91 -2.69 -3.09
CA MET A 269 -5.28 -2.75 -1.68
C MET A 269 -5.87 -1.42 -1.25
N MET A 270 -6.87 -1.48 -0.37
CA MET A 270 -7.40 -0.30 0.30
C MET A 270 -7.87 -0.71 1.67
N ARG A 271 -7.69 0.18 2.65
CA ARG A 271 -8.07 -0.11 4.02
C ARG A 271 -8.89 1.04 4.58
N PHE A 272 -9.70 0.73 5.59
CA PHE A 272 -10.63 1.68 6.16
C PHE A 272 -10.68 1.50 7.67
N ASP A 273 -10.95 2.60 8.36
CA ASP A 273 -11.11 2.60 9.81
C ASP A 273 -12.57 2.44 10.15
N MET A 274 -12.86 1.57 11.12
CA MET A 274 -14.22 1.38 11.60
C MET A 274 -14.39 1.73 13.07
N ARG A 275 -13.33 2.21 13.73
CA ARG A 275 -13.40 2.55 15.15
C ARG A 275 -14.14 3.86 15.38
N GLU A 276 -14.04 4.80 14.42
CA GLU A 276 -14.60 6.13 14.59
C GLU A 276 -15.56 6.55 13.49
N SER A 277 -15.80 5.71 12.48
CA SER A 277 -16.73 6.04 11.42
C SER A 277 -17.09 4.78 10.66
N PHE A 278 -18.07 4.92 9.76
CA PHE A 278 -18.52 3.82 8.91
C PHE A 278 -18.16 4.12 7.47
N PRO A 279 -17.36 3.29 6.80
CA PRO A 279 -16.87 3.65 5.47
C PRO A 279 -17.93 3.57 4.38
N LEU A 280 -18.99 4.35 4.51
CA LEU A 280 -19.98 4.49 3.45
C LEU A 280 -19.57 5.66 2.56
N LEU A 281 -19.33 5.38 1.28
CA LEU A 281 -18.80 6.39 0.37
C LEU A 281 -19.68 7.63 0.34
N THR A 282 -19.04 8.81 0.42
CA THR A 282 -19.76 10.07 0.39
C THR A 282 -19.66 10.79 -0.95
N THR A 283 -18.72 10.40 -1.82
CA THR A 283 -18.64 11.02 -3.14
C THR A 283 -19.79 10.61 -4.05
N LYS A 284 -20.63 9.68 -3.63
CA LYS A 284 -21.87 9.36 -4.34
C LYS A 284 -22.80 8.67 -3.34
N LYS A 285 -24.09 8.96 -3.47
CA LYS A 285 -25.07 8.37 -2.55
C LYS A 285 -25.11 6.87 -2.79
N VAL A 286 -24.89 6.10 -1.73
CA VAL A 286 -24.82 4.65 -1.80
C VAL A 286 -26.07 4.08 -1.16
N ALA A 287 -26.80 3.26 -1.91
CA ALA A 287 -28.02 2.65 -1.38
C ALA A 287 -27.63 1.63 -0.31
N ILE A 288 -27.86 1.98 0.94
CA ILE A 288 -27.37 1.18 2.05
C ILE A 288 -28.38 0.11 2.46
N ARG A 289 -29.68 0.36 2.26
CA ARG A 289 -30.69 -0.62 2.63
C ARG A 289 -30.55 -1.87 1.77
N SER A 290 -30.35 -1.70 0.46
CA SER A 290 -30.18 -2.85 -0.42
C SER A 290 -28.87 -3.57 -0.13
N ILE A 291 -27.83 -2.85 0.31
CA ILE A 291 -26.60 -3.51 0.75
C ILE A 291 -26.89 -4.35 1.98
N PHE A 292 -27.61 -3.78 2.95
CA PHE A 292 -27.92 -4.49 4.18
C PHE A 292 -28.83 -5.69 3.90
N GLU A 293 -29.80 -5.52 2.98
CA GLU A 293 -30.73 -6.60 2.70
C GLU A 293 -30.05 -7.79 2.04
N GLU A 294 -29.05 -7.54 1.20
CA GLU A 294 -28.31 -8.64 0.59
C GLU A 294 -27.37 -9.30 1.59
N LEU A 295 -26.93 -8.58 2.62
CA LEU A 295 -26.02 -9.15 3.60
C LEU A 295 -26.75 -10.14 4.50
N ILE A 296 -27.90 -9.73 5.05
CA ILE A 296 -28.71 -10.66 5.85
C ILE A 296 -29.18 -11.81 4.99
N TRP A 297 -29.38 -11.57 3.70
CA TRP A 297 -29.69 -12.65 2.76
C TRP A 297 -28.55 -13.65 2.71
N PHE A 298 -27.30 -13.17 2.68
CA PHE A 298 -26.15 -14.07 2.80
C PHE A 298 -26.11 -14.75 4.16
N ILE A 299 -26.27 -13.97 5.22
CA ILE A 299 -26.12 -14.50 6.58
C ILE A 299 -27.17 -15.57 6.85
N LYS A 300 -28.42 -15.32 6.44
CA LYS A 300 -29.48 -16.31 6.64
C LYS A 300 -29.26 -17.57 5.82
N GLY A 301 -28.26 -17.60 4.94
CA GLY A 301 -27.99 -18.75 4.11
C GLY A 301 -28.92 -18.91 2.92
N ASP A 302 -29.66 -17.86 2.56
CA ASP A 302 -30.64 -17.95 1.49
C ASP A 302 -29.98 -17.87 0.12
N THR A 303 -30.53 -18.62 -0.83
CA THR A 303 -30.07 -18.62 -2.21
C THR A 303 -31.16 -18.18 -3.19
N ASN A 304 -32.36 -17.86 -2.70
CA ASN A 304 -33.49 -17.53 -3.55
C ASN A 304 -33.47 -16.04 -3.89
N GLY A 305 -33.36 -15.74 -5.18
CA GLY A 305 -33.34 -14.35 -5.62
C GLY A 305 -34.68 -13.66 -5.48
N ASN A 306 -35.78 -14.43 -5.45
CA ASN A 306 -37.10 -13.82 -5.29
C ASN A 306 -37.25 -13.17 -3.93
N HIS A 307 -36.53 -13.66 -2.92
CA HIS A 307 -36.55 -13.01 -1.61
C HIS A 307 -35.95 -11.61 -1.67
N LEU A 308 -35.02 -11.38 -2.62
CA LEU A 308 -34.42 -10.06 -2.75
C LEU A 308 -35.31 -9.11 -3.54
N ILE A 309 -35.95 -9.60 -4.61
CA ILE A 309 -36.81 -8.74 -5.41
C ILE A 309 -38.10 -8.42 -4.67
N GLU A 310 -38.46 -9.21 -3.66
CA GLU A 310 -39.61 -8.92 -2.82
C GLU A 310 -39.30 -7.87 -1.76
N LYS A 311 -38.10 -7.30 -1.78
CA LYS A 311 -37.68 -6.25 -0.85
C LYS A 311 -37.11 -5.05 -1.59
N LYS A 312 -37.52 -4.88 -2.85
CA LYS A 312 -37.09 -3.77 -3.70
C LYS A 312 -35.57 -3.76 -3.88
N VAL A 313 -35.01 -4.92 -4.25
CA VAL A 313 -33.58 -5.07 -4.49
C VAL A 313 -33.40 -5.84 -5.78
N TYR A 314 -32.73 -5.23 -6.77
CA TYR A 314 -32.56 -5.83 -8.09
C TYR A 314 -31.08 -6.00 -8.45
N ILE A 315 -30.25 -6.24 -7.44
CA ILE A 315 -28.82 -6.45 -7.68
C ILE A 315 -28.58 -7.74 -8.43
N TRP A 316 -29.31 -8.80 -8.07
CA TRP A 316 -29.16 -10.13 -8.66
C TRP A 316 -30.27 -10.45 -9.64
N SER A 317 -30.69 -9.49 -10.44
CA SER A 317 -31.73 -9.71 -11.45
C SER A 317 -31.15 -10.09 -12.80
N GLY A 318 -30.05 -9.45 -13.22
CA GLY A 318 -29.43 -9.78 -14.49
C GLY A 318 -28.64 -11.07 -14.48
N ASN A 319 -28.22 -11.55 -13.32
CA ASN A 319 -27.48 -12.79 -13.19
C ASN A 319 -28.37 -13.98 -12.89
N GLY A 320 -29.67 -13.77 -12.71
CA GLY A 320 -30.57 -14.85 -12.34
C GLY A 320 -31.80 -14.98 -13.22
N SER A 321 -31.74 -14.46 -14.44
CA SER A 321 -32.88 -14.58 -15.36
C SER A 321 -32.81 -15.91 -16.11
N LYS A 322 -33.85 -16.18 -16.91
CA LYS A 322 -33.87 -17.42 -17.68
C LYS A 322 -32.89 -17.38 -18.85
N GLU A 323 -32.70 -16.20 -19.44
CA GLU A 323 -31.74 -16.07 -20.53
C GLU A 323 -30.31 -16.27 -20.04
N TYR A 324 -29.98 -15.73 -18.87
CA TYR A 324 -28.63 -15.87 -18.33
C TYR A 324 -28.39 -17.22 -17.67
N LEU A 325 -29.44 -17.94 -17.30
CA LEU A 325 -29.27 -19.25 -16.69
C LEU A 325 -29.32 -20.38 -17.70
N GLU A 326 -29.45 -20.06 -19.00
CA GLU A 326 -29.44 -21.07 -20.05
C GLU A 326 -28.28 -20.95 -21.02
N ARG A 327 -27.58 -19.80 -21.04
CA ARG A 327 -26.45 -19.59 -21.94
C ARG A 327 -25.11 -19.86 -21.26
N ILE A 328 -25.12 -20.09 -19.95
CA ILE A 328 -23.90 -20.41 -19.20
C ILE A 328 -23.71 -21.92 -19.05
N GLY A 329 -24.75 -22.72 -19.26
CA GLY A 329 -24.63 -24.16 -19.15
C GLY A 329 -25.73 -24.81 -18.33
N LEU A 330 -26.51 -24.00 -17.62
CA LEU A 330 -27.58 -24.54 -16.78
C LEU A 330 -28.90 -24.52 -17.55
N GLY A 331 -29.94 -23.98 -16.94
CA GLY A 331 -31.25 -23.88 -17.57
C GLY A 331 -32.34 -24.69 -16.90
N HIS A 332 -32.00 -25.62 -16.03
CA HIS A 332 -32.97 -26.43 -15.31
C HIS A 332 -33.37 -25.81 -13.97
N ARG A 333 -32.85 -24.63 -13.65
CA ARG A 333 -33.17 -23.95 -12.41
C ARG A 333 -34.48 -23.18 -12.53
N GLU A 334 -34.94 -22.66 -11.40
CA GLU A 334 -36.19 -21.89 -11.35
C GLU A 334 -35.97 -20.53 -12.00
N GLU A 335 -36.98 -19.66 -11.90
CA GLU A 335 -36.91 -18.36 -12.55
C GLU A 335 -35.69 -17.56 -12.10
N ASN A 336 -35.50 -17.44 -10.79
CA ASN A 336 -34.34 -16.77 -10.20
C ASN A 336 -33.80 -17.72 -9.14
N ASP A 337 -33.03 -18.73 -9.58
CA ASP A 337 -32.52 -19.77 -8.70
C ASP A 337 -31.00 -19.88 -8.86
N LEU A 338 -30.28 -18.95 -8.27
CA LEU A 338 -28.83 -19.08 -8.21
C LEU A 338 -28.47 -20.34 -7.43
N GLY A 339 -27.35 -20.94 -7.79
CA GLY A 339 -26.87 -22.13 -7.12
C GLY A 339 -26.17 -21.84 -5.81
N PRO A 340 -25.25 -22.71 -5.42
CA PRO A 340 -24.47 -22.49 -4.20
C PRO A 340 -23.64 -21.22 -4.30
N ILE A 341 -24.11 -20.17 -3.64
CA ILE A 341 -23.55 -18.82 -3.76
C ILE A 341 -23.08 -18.37 -2.37
N TYR A 342 -22.73 -17.10 -2.22
CA TYR A 342 -22.40 -16.56 -0.90
C TYR A 342 -23.53 -16.85 0.08
N GLY A 343 -23.17 -17.30 1.27
CA GLY A 343 -24.17 -17.63 2.26
C GLY A 343 -24.37 -19.12 2.35
N PHE A 344 -24.72 -19.75 1.22
CA PHE A 344 -24.73 -21.21 1.18
C PHE A 344 -23.32 -21.77 1.34
N GLN A 345 -22.31 -21.04 0.86
CA GLN A 345 -20.93 -21.43 1.10
C GLN A 345 -20.43 -21.00 2.47
N TRP A 346 -21.10 -20.03 3.11
CA TRP A 346 -20.74 -19.60 4.45
C TRP A 346 -21.40 -20.48 5.53
N ARG A 347 -22.66 -20.86 5.32
CA ARG A 347 -23.42 -21.63 6.28
C ARG A 347 -23.44 -23.12 6.00
N HIS A 348 -23.31 -23.52 4.74
CA HIS A 348 -23.38 -24.93 4.35
C HIS A 348 -22.33 -25.23 3.28
N TYR A 349 -21.05 -25.02 3.63
CA TYR A 349 -19.99 -25.24 2.66
C TYR A 349 -19.97 -26.70 2.23
N ASN A 350 -19.66 -26.91 0.95
CA ASN A 350 -19.83 -28.22 0.29
C ASN A 350 -21.32 -28.56 0.38
N GLY A 351 -21.68 -29.81 0.61
CA GLY A 351 -23.09 -30.16 0.68
C GLY A 351 -23.77 -30.17 -0.67
N GLU A 352 -24.63 -31.15 -0.92
CA GLU A 352 -25.31 -31.25 -2.20
C GLU A 352 -26.41 -30.21 -2.29
N TYR A 353 -26.46 -29.51 -3.42
CA TYR A 353 -27.48 -28.50 -3.68
C TYR A 353 -28.57 -29.09 -4.57
N LYS A 354 -29.82 -28.93 -4.16
CA LYS A 354 -30.94 -29.38 -4.98
C LYS A 354 -31.56 -28.18 -5.69
N THR A 355 -32.52 -27.53 -5.04
CA THR A 355 -33.15 -26.33 -5.60
C THR A 355 -33.18 -25.21 -4.56
N MET A 356 -33.84 -24.10 -4.91
CA MET A 356 -33.92 -22.95 -4.03
C MET A 356 -35.00 -23.10 -2.96
N HIS A 357 -36.00 -23.95 -3.21
CA HIS A 357 -37.15 -24.09 -2.31
C HIS A 357 -36.95 -25.22 -1.32
N ASP A 358 -35.73 -25.44 -0.84
CA ASP A 358 -35.46 -26.45 0.17
C ASP A 358 -34.85 -25.82 1.42
N ASP A 359 -34.80 -26.61 2.47
CA ASP A 359 -34.24 -26.22 3.76
C ASP A 359 -32.88 -26.90 3.88
N TYR A 360 -31.81 -26.11 3.86
CA TYR A 360 -30.46 -26.65 4.01
C TYR A 360 -29.96 -26.55 5.44
N THR A 361 -30.86 -26.60 6.41
CA THR A 361 -30.50 -26.50 7.82
C THR A 361 -29.80 -27.79 8.24
N GLY A 362 -28.51 -27.69 8.57
CA GLY A 362 -27.75 -28.82 9.05
C GLY A 362 -26.88 -29.50 8.02
N VAL A 363 -26.89 -29.06 6.77
CA VAL A 363 -26.08 -29.67 5.73
C VAL A 363 -24.76 -28.92 5.62
N GLY A 364 -23.70 -29.64 5.26
CA GLY A 364 -22.39 -29.02 5.15
C GLY A 364 -21.84 -28.56 6.48
N VAL A 365 -20.79 -27.74 6.40
CA VAL A 365 -20.15 -27.15 7.56
C VAL A 365 -20.52 -25.68 7.62
N ASP A 366 -20.84 -25.20 8.83
CA ASP A 366 -21.24 -23.82 9.05
C ASP A 366 -20.01 -23.01 9.44
N GLN A 367 -19.38 -22.37 8.46
CA GLN A 367 -18.20 -21.55 8.74
C GLN A 367 -18.55 -20.37 9.62
N LEU A 368 -19.72 -19.77 9.42
CA LEU A 368 -20.11 -18.58 10.16
C LEU A 368 -20.29 -18.89 11.65
N ALA A 369 -20.99 -19.99 11.96
CA ALA A 369 -21.17 -20.37 13.35
C ALA A 369 -19.85 -20.77 13.99
N LYS A 370 -19.02 -21.51 13.25
CA LYS A 370 -17.69 -21.85 13.76
C LYS A 370 -16.82 -20.61 13.94
N LEU A 371 -16.98 -19.62 13.08
CA LEU A 371 -16.24 -18.36 13.23
C LEU A 371 -16.63 -17.65 14.52
N ILE A 372 -17.93 -17.50 14.77
CA ILE A 372 -18.37 -16.83 15.99
C ILE A 372 -17.90 -17.59 17.22
N GLU A 373 -17.95 -18.92 17.16
CA GLU A 373 -17.48 -19.72 18.29
C GLU A 373 -16.00 -19.52 18.54
N THR A 374 -15.18 -19.46 17.49
CA THR A 374 -13.75 -19.28 17.67
C THR A 374 -13.39 -17.85 18.06
N LEU A 375 -14.23 -16.88 17.68
CA LEU A 375 -13.93 -15.49 18.02
C LEU A 375 -14.11 -15.22 19.51
N LYS A 376 -14.98 -15.97 20.18
CA LYS A 376 -15.27 -15.73 21.58
C LYS A 376 -14.51 -16.65 22.52
N ASN A 377 -14.08 -17.83 22.06
CA ASN A 377 -13.37 -18.78 22.91
C ASN A 377 -11.89 -18.92 22.55
N ASN A 378 -11.44 -18.33 21.44
CA ASN A 378 -10.04 -18.37 21.05
C ASN A 378 -9.72 -17.12 20.24
N PRO A 379 -9.75 -15.95 20.89
CA PRO A 379 -9.61 -14.69 20.13
C PRO A 379 -8.22 -14.47 19.57
N LYS A 380 -7.17 -14.91 20.26
CA LYS A 380 -5.80 -14.72 19.79
C LYS A 380 -5.41 -15.70 18.69
N ASP A 381 -6.36 -16.49 18.20
CA ASP A 381 -6.11 -17.45 17.14
C ASP A 381 -5.84 -16.74 15.82
N ARG A 382 -5.45 -17.53 14.82
CA ARG A 382 -5.15 -17.04 13.48
C ARG A 382 -5.85 -17.87 12.41
N ARG A 383 -6.98 -18.48 12.76
CA ARG A 383 -7.73 -19.32 11.83
C ARG A 383 -9.18 -18.84 11.67
N HIS A 384 -9.47 -17.59 12.04
CA HIS A 384 -10.80 -17.01 11.86
C HIS A 384 -11.00 -16.65 10.39
N ILE A 385 -11.27 -17.67 9.59
CA ILE A 385 -11.34 -17.54 8.14
C ILE A 385 -12.72 -17.97 7.65
N LEU A 386 -13.29 -17.16 6.75
CA LEU A 386 -14.59 -17.43 6.13
C LEU A 386 -14.41 -17.40 4.62
N THR A 387 -14.47 -18.56 3.99
CA THR A 387 -14.31 -18.68 2.54
C THR A 387 -15.64 -18.99 1.87
N ALA A 388 -15.74 -18.58 0.60
CA ALA A 388 -16.92 -18.84 -0.22
C ALA A 388 -16.56 -19.34 -1.61
N TRP A 389 -15.31 -19.73 -1.84
CA TRP A 389 -14.84 -20.18 -3.14
C TRP A 389 -14.72 -21.70 -3.11
N ASN A 390 -15.73 -22.38 -3.67
CA ASN A 390 -15.74 -23.83 -3.73
C ASN A 390 -15.49 -24.27 -5.16
N PRO A 391 -14.29 -24.80 -5.48
CA PRO A 391 -14.03 -25.23 -6.86
C PRO A 391 -14.88 -26.40 -7.32
N SER A 392 -15.42 -27.19 -6.40
CA SER A 392 -16.25 -28.33 -6.80
C SER A 392 -17.62 -27.88 -7.29
N ALA A 393 -18.14 -26.78 -6.75
CA ALA A 393 -19.47 -26.30 -7.09
C ALA A 393 -19.46 -25.03 -7.94
N LEU A 394 -18.33 -24.75 -8.60
CA LEU A 394 -18.25 -23.52 -9.40
C LEU A 394 -19.15 -23.60 -10.63
N SER A 395 -19.17 -24.73 -11.32
CA SER A 395 -19.94 -24.85 -12.55
C SER A 395 -21.42 -25.10 -12.33
N GLN A 396 -21.87 -25.29 -11.08
CA GLN A 396 -23.28 -25.45 -10.80
C GLN A 396 -23.88 -24.22 -10.11
N MET A 397 -23.11 -23.14 -10.00
CA MET A 397 -23.59 -21.89 -9.40
C MET A 397 -23.77 -20.85 -10.49
N ALA A 398 -24.66 -19.88 -10.23
CA ALA A 398 -24.98 -18.87 -11.23
C ALA A 398 -23.78 -18.02 -11.60
N LEU A 399 -23.09 -17.44 -10.60
CA LEU A 399 -21.91 -16.62 -10.85
C LEU A 399 -20.85 -16.95 -9.82
N PRO A 400 -19.61 -17.15 -10.23
CA PRO A 400 -18.56 -17.47 -9.27
C PRO A 400 -18.38 -16.34 -8.27
N PRO A 401 -18.01 -16.65 -7.03
CA PRO A 401 -17.97 -15.62 -5.99
C PRO A 401 -16.88 -14.59 -6.24
N CYS A 402 -17.15 -13.37 -5.80
CA CYS A 402 -16.19 -12.27 -5.88
C CYS A 402 -15.48 -12.00 -4.57
N HIS A 403 -16.19 -12.09 -3.43
CA HIS A 403 -15.56 -11.98 -2.12
C HIS A 403 -15.20 -13.38 -1.65
N VAL A 404 -14.10 -13.90 -2.21
CA VAL A 404 -13.74 -15.31 -2.05
C VAL A 404 -13.21 -15.63 -0.66
N LEU A 405 -12.74 -14.65 0.10
CA LEU A 405 -12.11 -14.95 1.38
C LEU A 405 -12.21 -13.75 2.31
N SER A 406 -12.40 -14.02 3.60
CA SER A 406 -12.41 -12.99 4.62
C SER A 406 -11.85 -13.55 5.92
N GLN A 407 -10.84 -12.86 6.48
CA GLN A 407 -10.20 -13.27 7.72
C GLN A 407 -10.44 -12.19 8.78
N TYR A 408 -10.60 -12.62 10.02
CA TYR A 408 -10.93 -11.72 11.12
C TYR A 408 -9.90 -11.81 12.24
N TYR A 409 -9.76 -10.72 12.98
CA TYR A 409 -8.65 -10.53 13.89
C TYR A 409 -9.08 -9.73 15.10
N VAL A 410 -8.69 -10.19 16.29
CA VAL A 410 -9.05 -9.57 17.54
C VAL A 410 -7.81 -8.89 18.10
N THR A 411 -7.81 -7.56 18.12
CA THR A 411 -6.67 -6.81 18.63
C THR A 411 -6.59 -6.94 20.15
N ASN A 412 -5.49 -6.45 20.71
CA ASN A 412 -5.29 -6.54 22.16
C ASN A 412 -6.25 -5.68 22.94
N ASP A 413 -6.80 -4.62 22.33
CA ASP A 413 -7.76 -3.75 22.99
C ASP A 413 -9.21 -4.10 22.64
N ASN A 414 -9.47 -5.38 22.34
CA ASN A 414 -10.82 -5.90 22.11
C ASN A 414 -11.51 -5.20 20.93
N CYS A 415 -10.85 -5.25 19.78
CA CYS A 415 -11.43 -4.75 18.53
C CYS A 415 -11.33 -5.83 17.47
N LEU A 416 -12.37 -5.93 16.64
CA LEU A 416 -12.47 -6.94 15.60
C LEU A 416 -12.18 -6.30 14.25
N SER A 417 -11.10 -6.74 13.61
CA SER A 417 -10.72 -6.28 12.29
C SER A 417 -10.99 -7.35 11.25
N CYS A 418 -10.91 -6.95 9.98
CA CYS A 418 -11.31 -7.83 8.89
C CYS A 418 -10.43 -7.61 7.67
N ASN A 419 -9.94 -8.71 7.09
CA ASN A 419 -9.29 -8.71 5.79
C ASN A 419 -10.20 -9.37 4.77
N LEU A 420 -10.27 -8.80 3.57
CA LEU A 420 -11.09 -9.34 2.49
C LEU A 420 -10.23 -9.48 1.24
N TYR A 421 -10.28 -10.64 0.61
CA TYR A 421 -9.64 -10.85 -0.68
C TYR A 421 -10.70 -11.03 -1.76
N GLN A 422 -10.60 -10.24 -2.82
CA GLN A 422 -11.52 -10.30 -3.94
C GLN A 422 -10.75 -10.64 -5.21
N ARG A 423 -11.13 -11.74 -5.87
CA ARG A 423 -10.58 -12.03 -7.18
C ARG A 423 -11.10 -11.06 -8.23
N SER A 424 -12.33 -10.60 -8.07
CA SER A 424 -12.97 -9.68 -9.00
C SER A 424 -13.63 -8.54 -8.24
N CYS A 425 -13.67 -7.37 -8.87
CA CYS A 425 -14.25 -6.20 -8.25
C CYS A 425 -14.50 -5.09 -9.26
N ASP A 426 -15.75 -4.89 -9.66
CA ASP A 426 -16.10 -3.72 -10.45
C ASP A 426 -16.03 -2.50 -9.56
N LEU A 427 -15.08 -1.59 -9.85
CA LEU A 427 -14.92 -0.42 -9.00
C LEU A 427 -16.13 0.50 -9.07
N GLY A 428 -16.85 0.50 -10.19
CA GLY A 428 -18.01 1.33 -10.36
C GLY A 428 -19.13 1.02 -9.40
N LEU A 429 -19.58 -0.24 -9.38
CA LEU A 429 -20.72 -0.65 -8.55
C LEU A 429 -20.40 -1.70 -7.50
N GLY A 430 -19.35 -2.49 -7.68
CA GLY A 430 -19.08 -3.58 -6.76
C GLY A 430 -18.37 -3.16 -5.49
N SER A 431 -17.32 -2.36 -5.62
CA SER A 431 -16.53 -1.97 -4.45
C SER A 431 -17.34 -1.19 -3.41
N PRO A 432 -18.14 -0.18 -3.76
CA PRO A 432 -18.94 0.49 -2.74
C PRO A 432 -19.85 -0.44 -1.97
N PHE A 433 -20.36 -1.50 -2.61
CA PHE A 433 -21.21 -2.44 -1.90
C PHE A 433 -20.40 -3.38 -1.02
N ASN A 434 -19.24 -3.82 -1.49
CA ASN A 434 -18.42 -4.75 -0.71
C ASN A 434 -17.84 -4.08 0.52
N ILE A 435 -17.43 -2.82 0.40
CA ILE A 435 -16.86 -2.11 1.54
C ILE A 435 -17.89 -1.99 2.66
N ALA A 436 -19.11 -1.58 2.31
CA ALA A 436 -20.15 -1.41 3.33
C ALA A 436 -20.64 -2.76 3.84
N SER A 437 -20.73 -3.76 2.94
CA SER A 437 -21.24 -5.06 3.34
C SER A 437 -20.35 -5.72 4.38
N TYR A 438 -19.04 -5.75 4.13
CA TYR A 438 -18.13 -6.38 5.06
C TYR A 438 -17.80 -5.51 6.26
N ALA A 439 -18.10 -4.21 6.19
CA ALA A 439 -18.00 -3.38 7.37
C ALA A 439 -19.18 -3.63 8.31
N ILE A 440 -20.39 -3.69 7.76
CA ILE A 440 -21.56 -4.06 8.58
C ILE A 440 -21.37 -5.46 9.15
N LEU A 441 -20.93 -6.40 8.32
CA LEU A 441 -20.74 -7.76 8.78
C LEU A 441 -19.76 -7.83 9.94
N THR A 442 -18.66 -7.06 9.87
CA THR A 442 -17.70 -7.06 10.96
C THR A 442 -18.28 -6.41 12.21
N MET A 443 -19.07 -5.34 12.05
CA MET A 443 -19.69 -4.70 13.21
C MET A 443 -20.73 -5.62 13.83
N MET A 444 -21.45 -6.39 13.00
CA MET A 444 -22.42 -7.34 13.54
C MET A 444 -21.73 -8.46 14.30
N LEU A 445 -20.64 -9.01 13.75
CA LEU A 445 -19.86 -10.01 14.49
C LEU A 445 -19.24 -9.40 15.74
N ALA A 446 -18.85 -8.13 15.69
CA ALA A 446 -18.19 -7.51 16.83
C ALA A 446 -19.15 -7.38 18.02
N GLN A 447 -20.41 -7.03 17.76
CA GLN A 447 -21.37 -6.90 18.85
C GLN A 447 -21.70 -8.27 19.47
N VAL A 448 -21.89 -9.28 18.63
CA VAL A 448 -22.26 -10.61 19.12
C VAL A 448 -21.15 -11.17 20.00
N CYS A 449 -19.89 -10.97 19.60
CA CYS A 449 -18.76 -11.52 20.33
C CYS A 449 -18.31 -10.65 21.50
N GLY A 450 -18.88 -9.46 21.66
CA GLY A 450 -18.48 -8.61 22.75
C GLY A 450 -17.27 -7.75 22.48
N TYR A 451 -17.02 -7.43 21.21
CA TYR A 451 -15.90 -6.60 20.79
C TYR A 451 -16.40 -5.29 20.21
N GLU A 452 -15.45 -4.43 19.80
CA GLU A 452 -15.73 -3.20 19.11
C GLU A 452 -15.17 -3.26 17.69
N PRO A 453 -15.78 -2.57 16.73
CA PRO A 453 -15.27 -2.63 15.36
C PRO A 453 -13.85 -2.08 15.26
N GLY A 454 -13.04 -2.71 14.42
CA GLY A 454 -11.64 -2.32 14.26
C GLY A 454 -11.32 -1.71 12.91
N GLU A 455 -10.50 -2.40 12.13
CA GLU A 455 -10.12 -1.94 10.80
C GLU A 455 -10.60 -2.92 9.75
N LEU A 456 -10.72 -2.42 8.52
CA LEU A 456 -11.09 -3.22 7.36
C LEU A 456 -10.05 -3.00 6.27
N ALA A 457 -9.58 -4.09 5.66
CA ALA A 457 -8.60 -4.03 4.59
C ALA A 457 -9.08 -4.90 3.44
N ILE A 458 -9.11 -4.32 2.24
CA ILE A 458 -9.59 -4.99 1.05
C ILE A 458 -8.40 -5.28 0.14
N PHE A 459 -8.23 -6.55 -0.22
CA PHE A 459 -7.22 -6.97 -1.19
C PHE A 459 -7.92 -7.39 -2.47
N ILE A 460 -7.52 -6.78 -3.59
CA ILE A 460 -8.20 -6.96 -4.87
C ILE A 460 -7.21 -7.56 -5.87
N GLY A 461 -7.64 -8.60 -6.56
CA GLY A 461 -6.85 -9.18 -7.63
C GLY A 461 -7.03 -8.40 -8.93
N ASP A 462 -8.10 -8.69 -9.66
CA ASP A 462 -8.37 -8.02 -10.93
C ASP A 462 -9.28 -6.83 -10.67
N ALA A 463 -8.67 -5.68 -10.42
CA ALA A 463 -9.43 -4.44 -10.22
C ALA A 463 -9.70 -3.81 -11.60
N HIS A 464 -10.97 -3.72 -11.96
CA HIS A 464 -11.35 -3.33 -13.31
C HIS A 464 -12.41 -2.24 -13.29
N ILE A 465 -12.53 -1.55 -14.43
CA ILE A 465 -13.52 -0.50 -14.62
C ILE A 465 -14.19 -0.74 -15.97
N TYR A 466 -15.51 -0.84 -15.98
CA TYR A 466 -16.23 -1.03 -17.24
C TYR A 466 -16.19 0.25 -18.07
N GLU A 467 -16.17 0.07 -19.39
CA GLU A 467 -15.98 1.21 -20.29
C GLU A 467 -17.16 2.17 -20.27
N ASN A 468 -18.36 1.66 -20.00
CA ASN A 468 -19.55 2.51 -19.98
C ASN A 468 -19.68 3.31 -18.68
N HIS A 469 -18.71 3.20 -17.77
CA HIS A 469 -18.73 3.96 -16.53
C HIS A 469 -17.69 5.08 -16.52
N LEU A 470 -16.95 5.26 -17.61
CA LEU A 470 -15.84 6.22 -17.60
C LEU A 470 -16.33 7.64 -17.33
N THR A 471 -17.30 8.10 -18.11
CA THR A 471 -17.82 9.45 -17.93
C THR A 471 -18.40 9.63 -16.52
N GLN A 472 -19.03 8.59 -15.98
CA GLN A 472 -19.65 8.69 -14.68
C GLN A 472 -18.63 8.62 -13.54
N LEU A 473 -17.64 7.71 -13.65
CA LEU A 473 -16.62 7.64 -12.62
C LEU A 473 -15.74 8.87 -12.61
N LYS A 474 -15.55 9.51 -13.78
CA LYS A 474 -14.80 10.75 -13.81
C LYS A 474 -15.56 11.90 -13.17
N GLU A 475 -16.88 11.77 -13.01
CA GLU A 475 -17.62 12.77 -12.23
C GLU A 475 -17.41 12.57 -10.74
N GLN A 476 -17.40 11.31 -10.29
CA GLN A 476 -17.16 11.04 -8.87
C GLN A 476 -15.79 11.55 -8.44
N LEU A 477 -14.79 11.47 -9.33
CA LEU A 477 -13.46 11.95 -8.98
C LEU A 477 -13.38 13.47 -8.91
N SER A 478 -14.44 14.18 -9.34
CA SER A 478 -14.46 15.64 -9.27
C SER A 478 -15.09 16.14 -7.97
N ARG A 479 -15.54 15.25 -7.10
CA ARG A 479 -16.22 15.63 -5.87
C ARG A 479 -15.27 15.44 -4.69
N THR A 480 -15.08 16.51 -3.93
CA THR A 480 -14.26 16.42 -2.72
C THR A 480 -15.05 15.68 -1.64
N PRO A 481 -14.49 14.61 -1.06
CA PRO A 481 -15.25 13.80 -0.12
C PRO A 481 -15.56 14.52 1.19
N ARG A 482 -16.59 14.02 1.87
CA ARG A 482 -17.09 14.53 3.12
C ARG A 482 -16.86 13.50 4.24
N PRO A 483 -16.98 13.92 5.51
CA PRO A 483 -16.75 12.97 6.60
C PRO A 483 -17.70 11.78 6.53
N PHE A 484 -17.17 10.62 6.91
CA PHE A 484 -17.95 9.39 6.87
C PHE A 484 -19.10 9.46 7.88
N PRO A 485 -20.19 8.76 7.62
CA PRO A 485 -21.29 8.70 8.59
C PRO A 485 -20.94 7.81 9.77
N GLN A 486 -21.90 7.67 10.69
CA GLN A 486 -21.82 6.74 11.80
C GLN A 486 -22.85 5.64 11.60
N LEU A 487 -22.47 4.41 11.93
CA LEU A 487 -23.40 3.29 11.91
C LEU A 487 -23.46 2.69 13.31
N LYS A 488 -24.60 2.80 13.95
CA LYS A 488 -24.81 2.29 15.29
C LYS A 488 -26.06 1.43 15.33
N PHE A 489 -26.06 0.44 16.22
CA PHE A 489 -27.20 -0.43 16.43
C PHE A 489 -28.06 0.08 17.58
N LYS A 490 -29.36 -0.21 17.51
CA LYS A 490 -30.28 0.25 18.54
C LYS A 490 -30.31 -0.71 19.72
N ARG A 491 -30.62 -1.97 19.47
CA ARG A 491 -30.64 -3.00 20.50
C ARG A 491 -29.41 -3.89 20.39
N LYS A 492 -29.26 -4.78 21.37
CA LYS A 492 -28.22 -5.79 21.37
C LYS A 492 -28.87 -7.14 21.07
N VAL A 493 -28.47 -7.75 19.96
CA VAL A 493 -29.08 -9.01 19.54
C VAL A 493 -28.31 -10.17 20.16
N GLU A 494 -28.87 -11.38 20.07
CA GLU A 494 -28.25 -12.58 20.60
C GLU A 494 -27.55 -13.41 19.54
N ASN A 495 -28.17 -13.58 18.38
CA ASN A 495 -27.54 -14.28 17.26
C ASN A 495 -27.44 -13.35 16.05
N ILE A 496 -26.51 -13.70 15.16
CA ILE A 496 -26.24 -12.87 13.99
C ILE A 496 -27.41 -12.83 13.02
N GLU A 497 -28.32 -13.81 13.09
CA GLU A 497 -29.44 -13.87 12.17
C GLU A 497 -30.57 -12.91 12.54
N ASP A 498 -30.62 -12.44 13.79
CA ASP A 498 -31.73 -11.64 14.26
C ASP A 498 -31.63 -10.17 13.89
N PHE A 499 -30.59 -9.77 13.14
CA PHE A 499 -30.45 -8.38 12.77
C PHE A 499 -31.47 -8.00 11.69
N LYS A 500 -32.10 -6.84 11.85
CA LYS A 500 -33.07 -6.34 10.89
C LYS A 500 -32.79 -4.86 10.65
N TRP A 501 -33.37 -4.33 9.56
CA TRP A 501 -33.11 -2.96 9.18
C TRP A 501 -33.61 -1.96 10.22
N GLU A 502 -34.60 -2.36 11.06
CA GLU A 502 -35.07 -1.49 12.12
C GLU A 502 -34.00 -1.22 13.18
N ASP A 503 -33.01 -2.09 13.30
CA ASP A 503 -31.99 -1.96 14.34
C ASP A 503 -30.79 -1.12 13.90
N ILE A 504 -30.82 -0.55 12.70
CA ILE A 504 -29.69 0.18 12.16
C ILE A 504 -30.03 1.66 12.09
N GLU A 505 -29.14 2.49 12.60
CA GLU A 505 -29.26 3.95 12.57
C GLU A 505 -28.05 4.50 11.84
N LEU A 506 -28.28 5.12 10.68
CA LEU A 506 -27.24 5.75 9.90
C LEU A 506 -27.25 7.23 10.22
N ILE A 507 -26.21 7.71 10.89
CA ILE A 507 -26.16 9.06 11.44
C ILE A 507 -25.16 9.89 10.64
N GLY A 508 -25.57 11.09 10.27
CA GLY A 508 -24.66 12.04 9.65
C GLY A 508 -24.21 11.67 8.26
N TYR A 509 -25.04 10.98 7.50
CA TYR A 509 -24.72 10.62 6.12
C TYR A 509 -25.18 11.76 5.22
N TYR A 510 -24.22 12.46 4.62
CA TYR A 510 -24.50 13.60 3.74
C TYR A 510 -23.72 13.41 2.44
N PRO A 511 -24.17 12.50 1.58
CA PRO A 511 -23.44 12.24 0.34
C PRO A 511 -23.83 13.19 -0.78
N TYR A 512 -22.97 13.22 -1.80
CA TYR A 512 -23.31 13.85 -3.06
C TYR A 512 -24.41 13.04 -3.75
N PRO A 513 -25.12 13.64 -4.71
CA PRO A 513 -26.21 12.91 -5.38
C PRO A 513 -25.73 11.62 -6.03
N THR A 514 -26.70 10.75 -6.32
CA THR A 514 -26.42 9.44 -6.88
C THR A 514 -25.78 9.59 -8.26
N ILE A 515 -25.13 8.52 -8.70
CA ILE A 515 -24.55 8.42 -10.04
C ILE A 515 -25.14 7.16 -10.67
N LYS A 516 -26.07 7.33 -11.59
CA LYS A 516 -26.76 6.20 -12.22
C LYS A 516 -25.79 5.46 -13.12
N MET A 517 -25.25 4.36 -12.63
CA MET A 517 -24.37 3.48 -13.39
C MET A 517 -25.12 2.18 -13.66
N ASP A 518 -25.49 1.95 -14.92
CA ASP A 518 -26.23 0.74 -15.27
C ASP A 518 -25.27 -0.43 -15.44
N MET A 519 -25.71 -1.60 -14.99
CA MET A 519 -24.90 -2.81 -15.09
C MET A 519 -25.22 -3.58 -16.37
N GLU B 3 29.72 28.77 -9.05
CA GLU B 3 29.36 27.83 -7.98
C GLU B 3 28.23 26.92 -8.43
N LYS B 4 28.50 26.09 -9.43
CA LYS B 4 27.47 25.25 -10.02
C LYS B 4 27.35 23.90 -9.31
N ASN B 5 27.18 22.83 -10.07
CA ASN B 5 26.89 21.50 -9.53
C ASN B 5 27.83 20.49 -10.16
N VAL B 6 28.63 19.82 -9.33
CA VAL B 6 29.56 18.79 -9.75
C VAL B 6 29.05 17.45 -9.24
N SER B 7 28.97 16.46 -10.13
CA SER B 7 28.43 15.16 -9.80
C SER B 7 29.35 14.06 -10.32
N ILE B 8 29.47 12.99 -9.53
CA ILE B 8 30.26 11.82 -9.93
C ILE B 8 29.32 10.81 -10.56
N VAL B 9 29.72 10.25 -11.70
CA VAL B 9 28.98 9.19 -12.38
C VAL B 9 29.93 8.02 -12.54
N VAL B 10 29.56 6.87 -11.96
CA VAL B 10 30.43 5.69 -11.98
C VAL B 10 29.56 4.44 -11.95
N ALA B 11 30.07 3.38 -12.57
CA ALA B 11 29.50 2.04 -12.47
C ALA B 11 30.56 1.13 -11.87
N ALA B 12 30.25 0.54 -10.71
CA ALA B 12 31.22 -0.25 -9.97
C ALA B 12 30.56 -1.52 -9.46
N SER B 13 31.38 -2.52 -9.16
CA SER B 13 30.89 -3.81 -8.68
C SER B 13 30.27 -3.65 -7.29
N VAL B 14 29.35 -4.58 -6.97
CA VAL B 14 28.53 -4.42 -5.78
C VAL B 14 29.35 -4.62 -4.51
N LEU B 15 30.32 -5.55 -4.54
CA LEU B 15 31.13 -5.84 -3.36
C LEU B 15 32.51 -5.18 -3.45
N SER B 16 33.25 -5.49 -4.52
CA SER B 16 34.62 -5.00 -4.64
C SER B 16 34.70 -3.54 -5.11
N SER B 17 33.63 -3.03 -5.73
CA SER B 17 33.57 -1.65 -6.23
C SER B 17 34.68 -1.38 -7.24
N GLY B 18 34.99 -2.37 -8.06
CA GLY B 18 35.94 -2.20 -9.14
C GLY B 18 35.27 -1.64 -10.38
N ILE B 19 36.03 -0.86 -11.15
CA ILE B 19 35.45 -0.14 -12.28
C ILE B 19 36.13 -0.45 -13.61
N GLY B 20 37.32 -1.03 -13.62
CA GLY B 20 38.00 -1.28 -14.88
C GLY B 20 38.97 -2.42 -14.79
N ILE B 21 39.34 -2.95 -15.95
CA ILE B 21 40.30 -4.03 -16.06
C ILE B 21 41.03 -3.94 -17.39
N ASN B 22 42.36 -3.80 -17.33
CA ASN B 22 43.21 -3.72 -18.51
C ASN B 22 42.80 -2.57 -19.43
N GLY B 23 42.47 -1.42 -18.83
CA GLY B 23 42.13 -0.25 -19.60
C GLY B 23 40.79 -0.27 -20.28
N GLN B 24 39.91 -1.22 -19.91
CA GLN B 24 38.59 -1.33 -20.50
C GLN B 24 37.57 -1.57 -19.38
N LEU B 25 36.29 -1.60 -19.75
CA LEU B 25 35.26 -1.93 -18.78
C LEU B 25 35.23 -3.45 -18.54
N PRO B 26 34.94 -3.88 -17.30
CA PRO B 26 34.83 -5.32 -17.04
C PRO B 26 33.53 -5.93 -17.56
N TRP B 27 32.63 -5.13 -18.11
CA TRP B 27 31.32 -5.62 -18.54
C TRP B 27 30.88 -4.85 -19.77
N SER B 28 29.74 -5.27 -20.34
CA SER B 28 29.12 -4.60 -21.49
C SER B 28 27.61 -4.53 -21.20
N ILE B 29 27.22 -3.50 -20.45
CA ILE B 29 25.84 -3.29 -20.06
C ILE B 29 25.33 -2.11 -20.88
N SER B 30 24.53 -2.39 -21.90
CA SER B 30 24.09 -1.36 -22.83
C SER B 30 23.28 -0.26 -22.13
N GLU B 31 22.39 -0.66 -21.22
CA GLU B 31 21.53 0.34 -20.57
C GLU B 31 22.32 1.24 -19.63
N ASP B 32 23.46 0.76 -19.11
CA ASP B 32 24.28 1.60 -18.25
C ASP B 32 24.86 2.77 -19.04
N LEU B 33 25.35 2.51 -20.24
CA LEU B 33 25.86 3.59 -21.09
C LEU B 33 24.75 4.56 -21.48
N LYS B 34 23.55 4.03 -21.73
CA LYS B 34 22.41 4.91 -22.02
C LYS B 34 22.10 5.81 -20.84
N PHE B 35 22.16 5.26 -19.61
CA PHE B 35 21.98 6.10 -18.43
C PHE B 35 23.07 7.15 -18.33
N PHE B 36 24.30 6.78 -18.68
CA PHE B 36 25.40 7.74 -18.66
C PHE B 36 25.12 8.91 -19.60
N SER B 37 24.56 8.62 -20.78
CA SER B 37 24.27 9.68 -21.74
C SER B 37 23.12 10.56 -21.28
N LYS B 38 22.11 9.96 -20.63
CA LYS B 38 20.95 10.75 -20.23
C LYS B 38 21.25 11.61 -19.01
N ILE B 39 22.13 11.15 -18.12
CA ILE B 39 22.42 11.95 -16.93
C ILE B 39 23.40 13.07 -17.25
N THR B 40 24.24 12.90 -18.28
CA THR B 40 25.24 13.91 -18.62
C THR B 40 24.74 14.92 -19.65
N ASN B 41 23.66 14.61 -20.36
CA ASN B 41 23.04 15.58 -21.25
C ASN B 41 21.91 16.35 -20.57
N ASN B 42 21.45 15.89 -19.40
CA ASN B 42 20.31 16.50 -18.75
C ASN B 42 20.68 17.90 -18.28
N LYS B 43 20.15 18.91 -18.97
CA LYS B 43 20.39 20.30 -18.62
C LYS B 43 19.07 21.06 -18.73
N CYS B 44 19.08 22.29 -18.23
CA CYS B 44 17.90 23.15 -18.22
C CYS B 44 17.93 24.20 -19.32
N ASP B 45 19.08 24.84 -19.53
CA ASP B 45 19.22 25.85 -20.56
C ASP B 45 19.63 25.18 -21.87
N SER B 46 18.92 25.51 -22.95
CA SER B 46 19.22 24.89 -24.24
C SER B 46 20.51 25.41 -24.85
N ASN B 47 20.99 26.57 -24.42
CA ASN B 47 22.17 27.19 -25.01
C ASN B 47 23.46 26.88 -24.25
N LYS B 48 23.38 26.25 -23.09
CA LYS B 48 24.57 25.85 -22.35
C LYS B 48 24.87 24.38 -22.61
N LYS B 49 26.05 23.96 -22.18
CA LYS B 49 26.50 22.58 -22.29
C LYS B 49 26.91 22.06 -20.91
N ASN B 50 27.03 20.75 -20.82
CA ASN B 50 27.56 20.10 -19.63
C ASN B 50 29.00 19.69 -19.89
N ALA B 51 29.79 19.66 -18.82
CA ALA B 51 31.21 19.35 -18.90
C ALA B 51 31.47 17.99 -18.27
N LEU B 52 32.33 17.21 -18.92
CA LEU B 52 32.67 15.86 -18.47
C LEU B 52 34.17 15.82 -18.20
N ILE B 53 34.54 15.61 -16.94
CA ILE B 53 35.94 15.56 -16.51
C ILE B 53 36.36 14.11 -16.44
N MET B 54 37.53 13.80 -16.98
CA MET B 54 38.07 12.45 -16.92
C MET B 54 39.57 12.52 -17.10
N GLY B 55 40.27 11.51 -16.56
CA GLY B 55 41.69 11.42 -16.73
C GLY B 55 42.07 10.96 -18.13
N ARG B 56 43.37 11.09 -18.44
CA ARG B 56 43.83 10.71 -19.77
C ARG B 56 43.60 9.23 -20.04
N LYS B 57 43.85 8.37 -19.05
CA LYS B 57 43.63 6.95 -19.26
C LYS B 57 42.17 6.65 -19.56
N THR B 58 41.25 7.34 -18.88
CA THR B 58 39.83 7.24 -19.22
C THR B 58 39.56 7.81 -20.60
N TRP B 59 40.24 8.91 -20.95
CA TRP B 59 40.14 9.47 -22.28
C TRP B 59 40.64 8.47 -23.33
N ASP B 60 41.73 7.77 -23.03
CA ASP B 60 42.16 6.67 -23.88
C ASP B 60 41.18 5.51 -23.83
N SER B 61 40.49 5.33 -22.71
CA SER B 61 39.57 4.21 -22.54
C SER B 61 38.42 4.30 -23.53
N ILE B 62 37.89 5.49 -23.76
CA ILE B 62 36.74 5.67 -24.65
C ILE B 62 37.21 5.94 -26.07
N GLY B 63 38.51 5.77 -26.31
CA GLY B 63 39.04 5.85 -27.66
C GLY B 63 39.32 7.25 -28.16
N ARG B 64 39.41 8.23 -27.25
CA ARG B 64 39.71 9.61 -27.61
C ARG B 64 38.72 10.16 -28.64
N ARG B 65 37.48 9.72 -28.56
CA ARG B 65 36.42 10.20 -29.42
C ARG B 65 35.45 11.05 -28.60
N PRO B 66 35.03 12.20 -29.11
CA PRO B 66 34.18 13.10 -28.31
C PRO B 66 32.81 12.50 -28.08
N LEU B 67 32.03 13.21 -27.26
CA LEU B 67 30.66 12.84 -26.94
C LEU B 67 29.75 13.99 -27.39
N LYS B 68 28.67 13.65 -28.07
CA LYS B 68 27.82 14.67 -28.71
C LYS B 68 27.18 15.58 -27.66
N ASN B 69 27.17 16.88 -27.97
CA ASN B 69 26.51 17.91 -27.18
C ASN B 69 27.14 18.10 -25.81
N ARG B 70 28.40 17.69 -25.63
CA ARG B 70 29.07 17.80 -24.35
C ARG B 70 30.52 18.18 -24.55
N ILE B 71 31.08 18.82 -23.53
CA ILE B 71 32.49 19.19 -23.49
C ILE B 71 33.22 18.18 -22.62
N ILE B 72 34.29 17.60 -23.15
CA ILE B 72 35.10 16.64 -22.42
C ILE B 72 36.35 17.34 -21.93
N VAL B 73 36.58 17.32 -20.62
CA VAL B 73 37.76 17.91 -20.00
C VAL B 73 38.69 16.79 -19.59
N VAL B 74 39.89 16.78 -20.16
CA VAL B 74 40.89 15.74 -19.89
C VAL B 74 41.96 16.32 -18.99
N ILE B 75 42.29 15.60 -17.91
CA ILE B 75 43.33 16.00 -16.98
C ILE B 75 44.57 15.17 -17.30
N SER B 76 45.59 15.82 -17.88
CA SER B 76 46.82 15.12 -18.23
C SER B 76 47.99 16.08 -18.10
N SER B 77 49.19 15.50 -17.95
CA SER B 77 50.42 16.26 -17.84
C SER B 77 51.28 16.15 -19.09
N SER B 78 50.76 15.55 -20.16
CA SER B 78 51.55 15.38 -21.38
C SER B 78 50.74 15.79 -22.61
N LEU B 79 49.42 15.67 -22.53
CA LEU B 79 48.58 15.97 -23.68
C LEU B 79 48.75 17.43 -24.10
N PRO B 80 48.72 17.72 -25.40
CA PRO B 80 48.84 19.11 -25.86
C PRO B 80 47.51 19.84 -25.81
N GLN B 81 47.60 21.16 -25.59
CA GLN B 81 46.42 22.02 -25.54
C GLN B 81 46.34 22.80 -26.85
N ASP B 82 45.28 22.55 -27.62
CA ASP B 82 45.03 23.27 -28.86
C ASP B 82 43.57 23.63 -28.95
N GLU B 83 43.29 24.84 -29.43
CA GLU B 83 41.93 25.34 -29.53
C GLU B 83 41.22 24.89 -30.81
N ALA B 84 41.79 23.95 -31.56
CA ALA B 84 41.16 23.49 -32.79
C ALA B 84 39.89 22.69 -32.52
N ASP B 85 39.78 22.08 -31.35
CA ASP B 85 38.58 21.31 -31.00
C ASP B 85 37.95 21.89 -29.74
N PRO B 86 36.78 22.53 -29.84
CA PRO B 86 36.12 23.05 -28.64
C PRO B 86 35.40 22.00 -27.82
N ASN B 87 35.28 20.76 -28.32
CA ASN B 87 34.62 19.70 -27.58
C ASN B 87 35.54 19.02 -26.58
N VAL B 88 36.85 19.15 -26.74
CA VAL B 88 37.82 18.52 -25.85
C VAL B 88 38.79 19.59 -25.36
N VAL B 89 38.89 19.74 -24.04
CA VAL B 89 39.79 20.69 -23.41
C VAL B 89 40.69 19.94 -22.45
N VAL B 90 41.96 20.32 -22.40
CA VAL B 90 42.98 19.62 -21.61
C VAL B 90 43.49 20.55 -20.53
N PHE B 91 43.50 20.07 -19.29
CA PHE B 91 44.04 20.81 -18.16
C PHE B 91 45.16 20.01 -17.49
N ARG B 92 45.99 20.70 -16.71
CA ARG B 92 47.14 20.09 -16.08
C ARG B 92 46.87 19.59 -14.66
N ASN B 93 45.79 20.04 -14.04
CA ASN B 93 45.42 19.56 -12.71
C ASN B 93 43.91 19.71 -12.53
N LEU B 94 43.37 18.92 -11.61
CA LEU B 94 41.93 18.91 -11.37
C LEU B 94 41.46 20.23 -10.76
N GLU B 95 42.21 20.75 -9.79
CA GLU B 95 41.79 21.97 -9.09
C GLU B 95 41.65 23.13 -10.06
N ASP B 96 42.65 23.33 -10.93
CA ASP B 96 42.59 24.43 -11.88
C ASP B 96 41.63 24.13 -13.03
N SER B 97 41.23 22.86 -13.21
CA SER B 97 40.23 22.54 -14.21
C SER B 97 38.82 22.88 -13.74
N ILE B 98 38.61 23.02 -12.43
CA ILE B 98 37.33 23.47 -11.91
C ILE B 98 37.32 24.99 -11.96
N GLU B 99 37.46 25.53 -13.17
CA GLU B 99 37.20 26.93 -13.45
C GLU B 99 35.91 27.11 -14.22
N ASN B 100 35.20 26.03 -14.52
CA ASN B 100 33.93 26.12 -15.23
C ASN B 100 32.89 26.85 -14.41
N LEU B 101 32.95 26.74 -13.09
CA LEU B 101 32.02 27.49 -12.25
C LEU B 101 32.44 28.95 -12.12
N MET B 102 33.74 29.21 -11.98
CA MET B 102 34.21 30.57 -11.74
C MET B 102 34.24 31.40 -13.02
N ASN B 103 34.86 30.88 -14.07
CA ASN B 103 35.15 31.65 -15.28
C ASN B 103 34.11 31.47 -16.38
N ASP B 104 33.76 30.22 -16.71
CA ASP B 104 32.97 29.93 -17.90
C ASP B 104 31.49 29.96 -17.57
N ASP B 105 30.75 30.85 -18.23
CA ASP B 105 29.31 30.96 -18.06
C ASP B 105 28.54 30.25 -19.16
N SER B 106 29.21 29.48 -20.01
CA SER B 106 28.55 28.69 -21.04
C SER B 106 28.41 27.22 -20.65
N ILE B 107 28.46 26.92 -19.36
CA ILE B 107 28.37 25.56 -18.86
C ILE B 107 27.39 25.55 -17.70
N GLU B 108 26.47 24.58 -17.70
CA GLU B 108 25.48 24.48 -16.63
C GLU B 108 25.89 23.53 -15.53
N ASN B 109 26.26 22.29 -15.86
CA ASN B 109 26.57 21.27 -14.88
C ASN B 109 27.89 20.59 -15.23
N ILE B 110 28.64 20.21 -14.20
CA ILE B 110 29.90 19.50 -14.36
C ILE B 110 29.72 18.07 -13.88
N PHE B 111 30.42 17.14 -14.53
CA PHE B 111 30.38 15.73 -14.18
C PHE B 111 31.79 15.17 -14.10
N VAL B 112 32.07 14.42 -13.03
CA VAL B 112 33.35 13.73 -12.86
C VAL B 112 33.13 12.26 -13.17
N CYS B 113 33.88 11.73 -14.13
CA CYS B 113 33.68 10.37 -14.58
C CYS B 113 34.93 9.80 -15.24
N GLY B 114 36.03 9.69 -14.49
CA GLY B 114 37.28 9.33 -15.11
C GLY B 114 38.31 8.65 -14.24
N GLY B 115 38.08 7.38 -13.91
CA GLY B 115 39.09 6.59 -13.21
C GLY B 115 39.25 6.95 -11.76
N GLU B 116 39.95 6.10 -11.00
CA GLU B 116 40.06 6.32 -9.56
C GLU B 116 41.00 7.47 -9.25
N SER B 117 41.99 7.74 -10.11
CA SER B 117 42.90 8.85 -9.87
C SER B 117 42.15 10.17 -9.79
N ILE B 118 41.11 10.33 -10.60
CA ILE B 118 40.31 11.54 -10.59
C ILE B 118 39.19 11.47 -9.56
N TYR B 119 38.60 10.28 -9.40
CA TYR B 119 37.61 10.11 -8.34
C TYR B 119 38.22 10.37 -6.97
N ARG B 120 39.45 9.91 -6.75
CA ARG B 120 40.12 10.12 -5.47
C ARG B 120 40.32 11.61 -5.19
N ASP B 121 40.82 12.34 -6.19
CA ASP B 121 41.09 13.75 -5.99
C ASP B 121 39.81 14.56 -5.85
N ALA B 122 38.78 14.23 -6.64
CA ALA B 122 37.54 14.99 -6.58
C ALA B 122 36.83 14.78 -5.25
N LEU B 123 36.91 13.58 -4.69
CA LEU B 123 36.25 13.32 -3.41
C LEU B 123 37.01 13.91 -2.24
N LYS B 124 38.34 13.97 -2.32
CA LYS B 124 39.13 14.51 -1.22
C LYS B 124 39.13 16.03 -1.21
N ASP B 125 38.81 16.67 -2.34
CA ASP B 125 38.88 18.12 -2.47
C ASP B 125 37.53 18.79 -2.25
N ASN B 126 36.50 18.03 -1.86
CA ASN B 126 35.20 18.59 -1.51
C ASN B 126 34.58 19.36 -2.68
N PHE B 127 34.77 18.84 -3.90
CA PHE B 127 34.16 19.44 -5.08
C PHE B 127 32.90 18.71 -5.53
N VAL B 128 32.65 17.50 -5.05
CA VAL B 128 31.55 16.67 -5.53
C VAL B 128 30.31 16.90 -4.67
N ASP B 129 29.18 17.17 -5.33
CA ASP B 129 27.92 17.40 -4.65
C ASP B 129 26.97 16.21 -4.72
N ARG B 130 27.24 15.23 -5.60
CA ARG B 130 26.32 14.13 -5.82
C ARG B 130 27.08 12.99 -6.49
N ILE B 131 26.65 11.76 -6.22
CA ILE B 131 27.26 10.56 -6.78
C ILE B 131 26.18 9.71 -7.42
N TYR B 132 26.29 9.49 -8.72
CA TYR B 132 25.41 8.58 -9.46
C TYR B 132 26.13 7.25 -9.59
N LEU B 133 25.66 6.24 -8.87
CA LEU B 133 26.32 4.94 -8.79
C LEU B 133 25.46 3.87 -9.43
N THR B 134 26.06 3.10 -10.34
CA THR B 134 25.46 1.90 -10.90
C THR B 134 26.15 0.70 -10.27
N ARG B 135 25.39 -0.11 -9.52
CA ARG B 135 25.94 -1.24 -8.79
C ARG B 135 25.85 -2.48 -9.65
N VAL B 136 26.94 -2.84 -10.32
CA VAL B 136 26.97 -4.02 -11.18
C VAL B 136 27.24 -5.25 -10.31
N ALA B 137 26.49 -6.32 -10.58
CA ALA B 137 26.60 -7.55 -9.78
C ALA B 137 27.54 -8.53 -10.46
N LEU B 138 28.82 -8.16 -10.49
CA LEU B 138 29.88 -8.97 -11.07
C LEU B 138 31.09 -8.95 -10.15
N GLU B 139 31.53 -10.13 -9.71
CA GLU B 139 32.69 -10.23 -8.85
C GLU B 139 33.66 -11.34 -9.23
N ASP B 140 33.31 -12.22 -10.18
CA ASP B 140 34.19 -13.34 -10.52
C ASP B 140 35.51 -12.86 -11.11
N ILE B 141 35.46 -11.86 -12.00
CA ILE B 141 36.67 -11.38 -12.64
C ILE B 141 37.39 -10.41 -11.72
N GLU B 142 38.65 -10.14 -12.04
CA GLU B 142 39.50 -9.26 -11.24
C GLU B 142 39.63 -7.90 -11.91
N PHE B 143 39.82 -6.87 -11.09
CA PHE B 143 39.93 -5.49 -11.55
C PHE B 143 41.31 -4.94 -11.18
N ASP B 144 41.74 -3.94 -11.94
CA ASP B 144 42.95 -3.21 -11.62
C ASP B 144 42.69 -1.75 -11.25
N THR B 145 41.48 -1.25 -11.45
CA THR B 145 41.10 0.09 -11.03
C THR B 145 39.74 0.02 -10.32
N TYR B 146 39.68 0.59 -9.12
CA TYR B 146 38.51 0.49 -8.27
C TYR B 146 37.91 1.87 -8.03
N PHE B 147 36.67 1.89 -7.55
CA PHE B 147 36.09 3.16 -7.16
C PHE B 147 36.36 3.42 -5.68
N PRO B 148 36.91 4.57 -5.30
CA PRO B 148 37.25 4.80 -3.90
C PRO B 148 36.00 4.79 -3.02
N GLU B 149 36.21 4.52 -1.73
CA GLU B 149 35.11 4.43 -0.79
C GLU B 149 34.41 5.78 -0.65
N ILE B 150 33.09 5.73 -0.51
CA ILE B 150 32.27 6.93 -0.41
C ILE B 150 32.40 7.52 0.99
N PRO B 151 32.84 8.77 1.13
CA PRO B 151 33.00 9.36 2.46
C PRO B 151 31.68 9.45 3.21
N GLU B 152 31.79 9.50 4.54
CA GLU B 152 30.60 9.49 5.39
C GLU B 152 29.73 10.73 5.21
N THR B 153 30.26 11.79 4.59
CA THR B 153 29.46 12.99 4.36
C THR B 153 28.34 12.75 3.35
N PHE B 154 28.47 11.73 2.50
CA PHE B 154 27.42 11.36 1.57
C PHE B 154 26.47 10.37 2.21
N LEU B 155 25.19 10.45 1.83
CA LEU B 155 24.19 9.51 2.30
C LEU B 155 23.34 9.09 1.10
N PRO B 156 22.96 7.82 1.02
CA PRO B 156 22.12 7.37 -0.10
C PRO B 156 20.73 7.97 -0.01
N VAL B 157 20.25 8.49 -1.14
CA VAL B 157 18.91 9.07 -1.21
C VAL B 157 18.02 8.35 -2.22
N TYR B 158 18.57 7.47 -3.04
CA TYR B 158 17.78 6.78 -4.05
C TYR B 158 18.43 5.44 -4.37
N MET B 159 17.60 4.41 -4.54
CA MET B 159 18.05 3.08 -4.95
C MET B 159 16.99 2.48 -5.86
N SER B 160 17.30 2.38 -7.15
CA SER B 160 16.35 1.89 -8.14
C SER B 160 16.08 0.39 -7.94
N GLN B 161 15.09 -0.10 -8.66
CA GLN B 161 14.84 -1.53 -8.70
C GLN B 161 16.01 -2.24 -9.38
N THR B 162 16.00 -3.56 -9.30
CA THR B 162 17.03 -4.36 -9.94
C THR B 162 16.64 -4.59 -11.40
N PHE B 163 17.59 -4.39 -12.31
CA PHE B 163 17.41 -4.62 -13.74
C PHE B 163 18.27 -5.79 -14.19
N CYS B 164 18.02 -6.24 -15.42
CA CYS B 164 18.73 -7.37 -16.00
C CYS B 164 19.18 -7.04 -17.41
N THR B 165 20.40 -7.46 -17.75
CA THR B 165 20.93 -7.31 -19.10
C THR B 165 21.96 -8.41 -19.32
N LYS B 166 21.64 -9.35 -20.22
CA LYS B 166 22.48 -10.53 -20.44
C LYS B 166 22.71 -11.28 -19.13
N ASN B 167 21.62 -11.45 -18.37
CA ASN B 167 21.63 -12.18 -17.10
C ASN B 167 22.55 -11.54 -16.06
N ILE B 168 22.80 -10.24 -16.18
CA ILE B 168 23.63 -9.50 -15.25
C ILE B 168 22.75 -8.47 -14.55
N SER B 169 22.79 -8.45 -13.22
CA SER B 169 21.98 -7.56 -12.42
C SER B 169 22.74 -6.28 -12.09
N TYR B 170 22.00 -5.18 -12.02
CA TYR B 170 22.59 -3.89 -11.66
C TYR B 170 21.53 -2.95 -11.14
N ASP B 171 21.93 -2.07 -10.23
CA ASP B 171 21.08 -1.06 -9.63
C ASP B 171 21.51 0.33 -10.08
N PHE B 172 20.74 1.33 -9.66
CA PHE B 172 21.09 2.73 -9.82
C PHE B 172 20.87 3.44 -8.50
N MET B 173 21.90 4.12 -8.00
CA MET B 173 21.84 4.77 -6.70
C MET B 173 22.28 6.22 -6.83
N ILE B 174 21.78 7.05 -5.91
CA ILE B 174 22.14 8.46 -5.81
C ILE B 174 22.65 8.71 -4.40
N PHE B 175 23.76 9.43 -4.29
CA PHE B 175 24.32 9.84 -3.00
C PHE B 175 24.46 11.36 -2.99
N GLU B 176 24.11 11.98 -1.87
CA GLU B 176 24.18 13.43 -1.73
C GLU B 176 24.92 13.82 -0.46
N LYS B 177 25.85 14.75 -0.59
CA LYS B 177 26.54 15.33 0.56
C LYS B 177 25.59 16.20 1.37
N GLN B 178 25.60 16.04 2.68
CA GLN B 178 24.73 16.80 3.57
C GLN B 178 25.50 17.39 4.73
N LEU B 193 2.97 21.57 3.61
CA LEU B 193 4.33 21.96 3.96
C LEU B 193 4.69 21.45 5.35
N LYS B 194 4.81 22.39 6.30
CA LYS B 194 5.15 22.08 7.67
C LYS B 194 3.95 22.13 8.62
N SER B 195 2.94 22.93 8.30
CA SER B 195 1.73 22.99 9.12
C SER B 195 0.95 21.68 9.09
N ILE B 196 1.13 20.86 8.06
CA ILE B 196 0.43 19.58 7.98
C ILE B 196 0.96 18.62 9.03
N ASP B 197 2.28 18.48 9.11
CA ASP B 197 2.86 17.53 10.06
C ASP B 197 2.60 17.95 11.50
N ASP B 198 2.58 19.26 11.78
CA ASP B 198 2.29 19.70 13.14
C ASP B 198 0.83 19.48 13.50
N THR B 199 -0.08 19.62 12.52
CA THR B 199 -1.49 19.37 12.80
C THR B 199 -1.76 17.88 13.02
N VAL B 200 -1.07 17.02 12.25
CA VAL B 200 -1.25 15.58 12.42
C VAL B 200 -0.72 15.13 13.76
N ASP B 201 0.42 15.69 14.18
CA ASP B 201 0.97 15.34 15.49
C ASP B 201 0.08 15.83 16.61
N LEU B 202 -0.52 17.02 16.46
CA LEU B 202 -1.44 17.51 17.47
C LEU B 202 -2.71 16.65 17.51
N LEU B 203 -3.20 16.23 16.34
CA LEU B 203 -4.35 15.33 16.31
C LEU B 203 -4.01 13.99 16.94
N GLY B 204 -2.77 13.53 16.77
CA GLY B 204 -2.37 12.26 17.36
C GLY B 204 -2.20 12.32 18.86
N GLU B 205 -2.08 13.52 19.44
CA GLU B 205 -2.03 13.65 20.89
C GLU B 205 -3.41 13.70 21.50
N ILE B 206 -4.37 14.33 20.81
CA ILE B 206 -5.74 14.40 21.32
C ILE B 206 -6.38 13.02 21.33
N PHE B 207 -6.36 12.35 20.18
CA PHE B 207 -6.86 10.98 20.08
C PHE B 207 -5.70 10.01 20.28
N GLY B 208 -5.92 9.00 21.11
CA GLY B 208 -4.87 8.01 21.34
C GLY B 208 -4.83 6.98 20.24
N ILE B 209 -5.24 5.75 20.55
CA ILE B 209 -5.42 4.74 19.52
C ILE B 209 -6.68 4.97 18.70
N ARG B 210 -7.45 6.02 19.01
CA ARG B 210 -8.63 6.35 18.21
C ARG B 210 -8.26 6.89 16.84
N LYS B 211 -7.04 7.41 16.69
CA LYS B 211 -6.54 7.85 15.40
C LYS B 211 -5.77 6.71 14.76
N MET B 212 -6.17 6.33 13.54
CA MET B 212 -5.57 5.17 12.89
C MET B 212 -4.08 5.37 12.63
N GLY B 213 -3.66 6.63 12.47
CA GLY B 213 -2.24 6.89 12.28
C GLY B 213 -1.38 6.47 13.45
N ASN B 214 -1.92 6.57 14.67
CA ASN B 214 -1.19 6.12 15.85
C ASN B 214 -1.12 4.60 15.94
N ARG B 215 -2.04 3.90 15.28
CA ARG B 215 -1.97 2.45 15.16
C ARG B 215 -1.09 1.99 14.01
N HIS B 216 -0.80 2.90 13.07
CA HIS B 216 0.09 2.62 11.94
C HIS B 216 1.18 3.70 11.91
N LYS B 217 1.87 3.86 13.03
CA LYS B 217 2.95 4.85 13.12
C LYS B 217 4.08 4.50 12.16
N PHE B 218 4.75 5.53 11.66
CA PHE B 218 5.94 5.31 10.86
C PHE B 218 7.08 4.83 11.76
N PRO B 219 7.84 3.82 11.33
CA PRO B 219 8.90 3.29 12.19
C PRO B 219 9.97 4.33 12.49
N LYS B 220 10.56 4.21 13.68
CA LYS B 220 11.60 5.14 14.12
C LYS B 220 12.87 4.92 13.32
N GLU B 221 13.73 5.94 13.32
CA GLU B 221 14.96 5.90 12.54
C GLU B 221 15.89 4.77 12.94
N GLU B 222 15.77 4.25 14.16
CA GLU B 222 16.66 3.19 14.62
C GLU B 222 16.25 1.81 14.14
N ILE B 223 15.11 1.67 13.46
CA ILE B 223 14.67 0.38 12.96
C ILE B 223 14.26 0.50 11.50
N TYR B 224 14.65 1.59 10.86
CA TYR B 224 14.36 1.81 9.45
C TYR B 224 15.62 1.50 8.65
N ASN B 225 15.50 0.60 7.68
CA ASN B 225 16.65 0.20 6.87
C ASN B 225 17.04 1.34 5.94
N THR B 226 18.27 1.84 6.08
CA THR B 226 18.83 2.93 5.30
C THR B 226 17.90 4.14 5.38
N PRO B 227 17.84 4.82 6.54
CA PRO B 227 16.85 5.88 6.73
C PRO B 227 17.05 7.07 5.82
N SER B 228 18.28 7.29 5.32
CA SER B 228 18.53 8.43 4.44
C SER B 228 17.80 8.33 3.12
N ILE B 229 17.45 7.11 2.68
CA ILE B 229 16.62 6.93 1.49
C ILE B 229 15.17 7.11 1.90
N ARG B 230 14.68 8.36 1.82
CA ARG B 230 13.33 8.67 2.25
C ARG B 230 12.32 8.62 1.12
N PHE B 231 12.74 8.89 -0.11
CA PHE B 231 11.83 8.92 -1.25
C PHE B 231 12.19 7.95 -2.36
N GLY B 232 13.43 7.46 -2.41
CA GLY B 232 13.84 6.59 -3.49
C GLY B 232 13.91 5.12 -3.13
N ARG B 233 12.95 4.65 -2.36
CA ARG B 233 12.89 3.25 -1.94
C ARG B 233 12.27 2.39 -3.05
N GLU B 234 12.91 2.45 -4.21
CA GLU B 234 12.42 1.72 -5.38
C GLU B 234 12.71 0.23 -5.28
N HIS B 235 13.90 -0.12 -4.80
CA HIS B 235 14.29 -1.53 -4.65
C HIS B 235 13.25 -2.28 -3.82
N TYR B 236 12.72 -3.35 -4.38
CA TYR B 236 11.57 -4.01 -3.79
C TYR B 236 11.91 -4.89 -2.59
N GLU B 237 13.18 -5.06 -2.24
CA GLU B 237 13.48 -5.67 -0.95
C GLU B 237 13.02 -4.77 0.18
N PHE B 238 12.94 -3.45 -0.06
CA PHE B 238 12.38 -2.55 0.93
C PHE B 238 10.94 -2.88 1.26
N GLN B 239 10.22 -3.54 0.35
CA GLN B 239 8.85 -3.97 0.66
C GLN B 239 8.85 -4.95 1.83
N TYR B 240 9.88 -5.80 1.92
CA TYR B 240 10.00 -6.71 3.04
C TYR B 240 10.61 -6.00 4.25
N LEU B 241 11.67 -5.23 4.03
CA LEU B 241 12.35 -4.57 5.14
C LEU B 241 11.43 -3.58 5.85
N ASP B 242 10.64 -2.81 5.08
CA ASP B 242 9.73 -1.85 5.70
C ASP B 242 8.57 -2.53 6.38
N LEU B 243 8.14 -3.69 5.87
CA LEU B 243 7.16 -4.49 6.61
C LEU B 243 7.75 -5.01 7.91
N LEU B 244 9.02 -5.41 7.88
CA LEU B 244 9.70 -5.81 9.11
C LEU B 244 9.77 -4.66 10.10
N SER B 245 10.00 -3.43 9.59
CA SER B 245 10.10 -2.28 10.47
C SER B 245 8.75 -1.91 11.06
N ARG B 246 7.67 -2.09 10.30
CA ARG B 246 6.34 -1.74 10.82
C ARG B 246 5.92 -2.67 11.94
N VAL B 247 6.29 -3.95 11.88
CA VAL B 247 6.00 -4.86 12.97
C VAL B 247 6.78 -4.46 14.22
N LEU B 248 8.05 -4.08 14.04
CA LEU B 248 8.85 -3.66 15.19
C LEU B 248 8.37 -2.35 15.79
N GLU B 249 7.64 -1.53 15.02
CA GLU B 249 7.20 -0.24 15.52
C GLU B 249 5.88 -0.33 16.28
N ASN B 250 4.88 -0.99 15.71
CA ASN B 250 3.56 -1.04 16.33
C ASN B 250 3.00 -2.46 16.39
N GLY B 251 3.87 -3.45 16.58
CA GLY B 251 3.41 -4.80 16.79
C GLY B 251 2.94 -5.01 18.22
N ALA B 252 1.81 -5.71 18.36
CA ALA B 252 1.23 -5.97 19.68
C ALA B 252 1.75 -7.29 20.23
N TYR B 253 2.10 -7.29 21.52
CA TYR B 253 2.59 -8.48 22.18
C TYR B 253 1.47 -9.50 22.32
N ARG B 254 1.76 -10.76 22.00
CA ARG B 254 0.75 -11.82 22.03
C ARG B 254 1.35 -13.09 22.61
N GLU B 255 0.90 -13.46 23.81
CA GLU B 255 1.22 -14.77 24.35
C GLU B 255 0.43 -15.86 23.60
N ASN B 256 0.86 -17.10 23.77
CA ASN B 256 0.27 -18.22 23.04
C ASN B 256 0.21 -19.43 23.97
N ARG B 257 0.20 -20.62 23.38
CA ARG B 257 0.04 -21.85 24.15
C ARG B 257 1.16 -22.03 25.15
N THR B 258 2.41 -21.84 24.72
CA THR B 258 3.57 -22.00 25.59
C THR B 258 4.07 -20.65 26.06
N GLY B 259 5.32 -20.32 25.76
CA GLY B 259 5.91 -19.07 26.15
C GLY B 259 6.55 -18.29 25.01
N ILE B 260 6.53 -18.87 23.80
CA ILE B 260 7.12 -18.23 22.63
C ILE B 260 6.19 -17.13 22.13
N SER B 261 6.41 -15.91 22.59
CA SER B 261 5.55 -14.79 22.25
C SER B 261 5.94 -14.17 20.91
N THR B 262 4.95 -13.57 20.25
CA THR B 262 5.13 -12.92 18.95
C THR B 262 4.71 -11.45 19.06
N TYR B 263 4.90 -10.72 17.97
CA TYR B 263 4.41 -9.35 17.82
C TYR B 263 3.69 -9.25 16.48
N SER B 264 2.40 -8.93 16.51
CA SER B 264 1.54 -9.06 15.35
C SER B 264 0.96 -7.71 14.92
N ILE B 265 0.88 -7.51 13.60
CA ILE B 265 0.05 -6.46 13.01
C ILE B 265 -0.79 -7.12 11.90
N PHE B 266 -2.00 -6.60 11.71
CA PHE B 266 -2.99 -7.25 10.87
C PHE B 266 -3.21 -6.46 9.59
N GLY B 267 -3.22 -7.16 8.46
CA GLY B 267 -3.45 -6.55 7.17
C GLY B 267 -2.25 -5.82 6.61
N GLN B 268 -1.39 -6.53 5.89
CA GLN B 268 -0.18 -5.96 5.32
C GLN B 268 -0.01 -6.44 3.89
N MET B 269 0.89 -5.79 3.16
CA MET B 269 1.08 -6.07 1.75
C MET B 269 2.51 -5.76 1.33
N MET B 270 3.06 -6.58 0.44
CA MET B 270 4.34 -6.29 -0.20
C MET B 270 4.32 -6.92 -1.59
N ARG B 271 4.92 -6.23 -2.56
CA ARG B 271 4.94 -6.67 -3.94
C ARG B 271 6.35 -6.63 -4.49
N PHE B 272 6.59 -7.46 -5.51
CA PHE B 272 7.93 -7.63 -6.08
C PHE B 272 7.83 -7.75 -7.59
N ASP B 273 8.90 -7.31 -8.26
CA ASP B 273 9.01 -7.41 -9.71
C ASP B 273 9.77 -8.68 -10.08
N MET B 274 9.25 -9.41 -11.07
CA MET B 274 9.92 -10.59 -11.58
C MET B 274 10.31 -10.48 -13.04
N ARG B 275 10.05 -9.33 -13.68
CA ARG B 275 10.42 -9.18 -15.09
C ARG B 275 11.92 -9.00 -15.27
N GLU B 276 12.61 -8.42 -14.28
CA GLU B 276 14.02 -8.12 -14.43
C GLU B 276 14.91 -8.68 -13.33
N SER B 277 14.36 -9.39 -12.34
CA SER B 277 15.18 -9.95 -11.28
C SER B 277 14.38 -11.02 -10.54
N PHE B 278 15.07 -11.71 -9.63
CA PHE B 278 14.45 -12.72 -8.79
C PHE B 278 14.47 -12.23 -7.34
N PRO B 279 13.32 -12.13 -6.67
CA PRO B 279 13.30 -11.52 -5.33
C PRO B 279 13.86 -12.43 -4.24
N LEU B 280 15.13 -12.79 -4.35
CA LEU B 280 15.81 -13.52 -3.29
C LEU B 280 16.51 -12.50 -2.39
N LEU B 281 16.12 -12.50 -1.11
CA LEU B 281 16.62 -11.48 -0.18
C LEU B 281 18.14 -11.45 -0.15
N THR B 282 18.70 -10.25 -0.21
CA THR B 282 20.15 -10.07 -0.16
C THR B 282 20.66 -9.61 1.19
N THR B 283 19.79 -9.09 2.06
CA THR B 283 20.21 -8.69 3.40
C THR B 283 20.52 -9.87 4.30
N LYS B 284 20.24 -11.09 3.84
CA LYS B 284 20.68 -12.32 4.51
C LYS B 284 20.58 -13.45 3.51
N LYS B 285 21.53 -14.38 3.60
CA LYS B 285 21.56 -15.51 2.68
C LYS B 285 20.36 -16.41 2.88
N VAL B 286 19.64 -16.70 1.79
CA VAL B 286 18.44 -17.53 1.83
C VAL B 286 18.76 -18.86 1.15
N ALA B 287 18.54 -19.96 1.88
CA ALA B 287 18.77 -21.29 1.35
C ALA B 287 17.73 -21.62 0.29
N ILE B 288 18.16 -21.67 -0.97
CA ILE B 288 17.21 -21.79 -2.08
C ILE B 288 16.90 -23.24 -2.44
N ARG B 289 17.85 -24.16 -2.23
CA ARG B 289 17.65 -25.55 -2.65
C ARG B 289 16.50 -26.20 -1.89
N SER B 290 16.45 -26.03 -0.57
CA SER B 290 15.39 -26.64 0.23
C SER B 290 14.03 -26.04 -0.11
N ILE B 291 13.99 -24.76 -0.50
CA ILE B 291 12.75 -24.14 -0.93
C ILE B 291 12.22 -24.82 -2.19
N PHE B 292 13.10 -25.07 -3.15
CA PHE B 292 12.67 -25.67 -4.42
C PHE B 292 12.16 -27.08 -4.23
N GLU B 293 12.80 -27.86 -3.36
CA GLU B 293 12.42 -29.26 -3.21
C GLU B 293 11.03 -29.42 -2.63
N GLU B 294 10.63 -28.51 -1.73
CA GLU B 294 9.27 -28.57 -1.17
C GLU B 294 8.24 -28.08 -2.18
N LEU B 295 8.63 -27.24 -3.13
CA LEU B 295 7.66 -26.70 -4.09
C LEU B 295 7.26 -27.75 -5.11
N ILE B 296 8.24 -28.44 -5.71
CA ILE B 296 7.91 -29.53 -6.63
C ILE B 296 7.17 -30.64 -5.90
N TRP B 297 7.46 -30.81 -4.60
CA TRP B 297 6.71 -31.76 -3.78
C TRP B 297 5.23 -31.38 -3.73
N PHE B 298 4.93 -30.08 -3.61
CA PHE B 298 3.55 -29.63 -3.66
C PHE B 298 2.93 -29.94 -5.02
N ILE B 299 3.66 -29.62 -6.10
CA ILE B 299 3.10 -29.77 -7.44
C ILE B 299 2.77 -31.23 -7.74
N LYS B 300 3.64 -32.16 -7.33
CA LYS B 300 3.38 -33.57 -7.57
C LYS B 300 2.17 -34.09 -6.81
N GLY B 301 1.57 -33.29 -5.93
CA GLY B 301 0.41 -33.71 -5.18
C GLY B 301 0.71 -34.63 -4.02
N ASP B 302 1.97 -34.72 -3.60
CA ASP B 302 2.37 -35.67 -2.58
C ASP B 302 1.99 -35.17 -1.20
N THR B 303 1.60 -36.09 -0.32
CA THR B 303 1.27 -35.77 1.06
C THR B 303 2.16 -36.49 2.06
N ASN B 304 3.07 -37.34 1.60
CA ASN B 304 3.92 -38.14 2.48
C ASN B 304 5.16 -37.34 2.81
N GLY B 305 5.37 -37.06 4.11
CA GLY B 305 6.50 -36.26 4.53
C GLY B 305 7.86 -36.92 4.36
N ASN B 306 7.90 -38.26 4.29
CA ASN B 306 9.18 -38.95 4.14
C ASN B 306 9.86 -38.62 2.80
N HIS B 307 9.07 -38.27 1.78
CA HIS B 307 9.68 -37.87 0.51
C HIS B 307 10.54 -36.62 0.65
N LEU B 308 10.21 -35.76 1.61
CA LEU B 308 11.00 -34.55 1.84
C LEU B 308 12.24 -34.83 2.67
N ILE B 309 12.12 -35.71 3.67
CA ILE B 309 13.25 -36.00 4.55
C ILE B 309 14.32 -36.82 3.82
N GLU B 310 13.97 -37.47 2.72
CA GLU B 310 14.95 -38.19 1.90
C GLU B 310 15.76 -37.28 0.99
N LYS B 311 15.57 -35.96 1.08
CA LYS B 311 16.31 -35.00 0.25
C LYS B 311 16.91 -33.89 1.11
N LYS B 312 17.17 -34.17 2.39
CA LYS B 312 17.75 -33.21 3.32
C LYS B 312 16.87 -31.97 3.44
N VAL B 313 15.59 -32.19 3.69
CA VAL B 313 14.59 -31.13 3.85
C VAL B 313 13.76 -31.46 5.08
N TYR B 314 13.78 -30.56 6.07
CA TYR B 314 13.11 -30.79 7.35
C TYR B 314 12.06 -29.73 7.62
N ILE B 315 11.43 -29.21 6.57
CA ILE B 315 10.38 -28.21 6.75
C ILE B 315 9.16 -28.82 7.42
N TRP B 316 8.77 -30.02 7.00
CA TRP B 316 7.62 -30.72 7.55
C TRP B 316 8.03 -31.90 8.42
N SER B 317 9.12 -31.74 9.17
CA SER B 317 9.59 -32.77 10.09
C SER B 317 9.10 -32.57 11.51
N GLY B 318 9.12 -31.33 12.01
CA GLY B 318 8.62 -31.06 13.35
C GLY B 318 7.11 -31.03 13.47
N ASN B 319 6.41 -30.84 12.35
CA ASN B 319 4.95 -30.82 12.33
C ASN B 319 4.34 -32.18 12.00
N GLY B 320 5.16 -33.19 11.73
CA GLY B 320 4.64 -34.49 11.35
C GLY B 320 5.18 -35.63 12.18
N SER B 321 5.70 -35.31 13.38
CA SER B 321 6.21 -36.32 14.29
C SER B 321 5.08 -36.91 15.13
N LYS B 322 5.41 -37.87 15.98
CA LYS B 322 4.40 -38.49 16.83
C LYS B 322 3.94 -37.55 17.93
N GLU B 323 4.83 -36.67 18.42
CA GLU B 323 4.43 -35.70 19.45
C GLU B 323 3.41 -34.71 18.92
N TYR B 324 3.57 -34.27 17.67
CA TYR B 324 2.66 -33.32 17.07
C TYR B 324 1.37 -33.98 16.59
N LEU B 325 1.38 -35.30 16.37
CA LEU B 325 0.23 -36.05 15.88
C LEU B 325 -0.65 -36.60 17.00
N GLU B 326 -0.36 -36.26 18.24
CA GLU B 326 -1.19 -36.66 19.37
C GLU B 326 -1.89 -35.48 20.03
N ARG B 327 -1.46 -34.25 19.74
CA ARG B 327 -2.12 -33.06 20.25
C ARG B 327 -3.12 -32.42 19.29
N ILE B 328 -3.16 -32.83 18.03
CA ILE B 328 -4.15 -32.27 17.10
C ILE B 328 -5.34 -33.23 16.97
N GLY B 329 -5.11 -34.52 17.20
CA GLY B 329 -6.16 -35.52 17.19
C GLY B 329 -5.92 -36.67 16.23
N LEU B 330 -5.00 -36.51 15.29
CA LEU B 330 -4.74 -37.54 14.27
C LEU B 330 -3.58 -38.42 14.73
N GLY B 331 -3.88 -39.30 15.67
CA GLY B 331 -2.91 -40.25 16.19
C GLY B 331 -2.82 -41.56 15.46
N HIS B 332 -3.80 -41.84 14.59
CA HIS B 332 -3.85 -43.09 13.84
C HIS B 332 -3.10 -43.03 12.52
N ARG B 333 -2.43 -41.93 12.22
CA ARG B 333 -1.69 -41.83 10.96
C ARG B 333 -0.32 -42.49 11.09
N GLU B 334 0.35 -42.64 9.95
CA GLU B 334 1.68 -43.25 9.93
C GLU B 334 2.70 -42.27 10.50
N GLU B 335 3.97 -42.64 10.42
CA GLU B 335 5.04 -41.82 10.99
C GLU B 335 5.05 -40.43 10.38
N ASN B 336 5.02 -40.34 9.05
CA ASN B 336 5.00 -39.05 8.33
C ASN B 336 3.89 -39.08 7.29
N ASP B 337 2.66 -38.86 7.75
CA ASP B 337 1.45 -38.80 6.91
C ASP B 337 0.76 -37.49 7.30
N LEU B 338 1.28 -36.39 6.78
CA LEU B 338 0.74 -35.06 7.10
C LEU B 338 -0.74 -34.96 6.77
N GLY B 339 -1.12 -35.33 5.55
CA GLY B 339 -2.51 -35.35 5.16
C GLY B 339 -2.84 -34.35 4.06
N PRO B 340 -4.12 -33.98 3.96
CA PRO B 340 -4.52 -33.02 2.91
C PRO B 340 -3.96 -31.62 3.12
N ILE B 341 -2.81 -31.31 2.51
CA ILE B 341 -2.15 -30.02 2.72
C ILE B 341 -1.97 -29.39 1.35
N TYR B 342 -1.10 -28.38 1.24
CA TYR B 342 -0.78 -27.85 -0.08
C TYR B 342 -0.37 -28.99 -1.00
N GLY B 343 -0.91 -28.98 -2.22
CA GLY B 343 -0.63 -30.05 -3.16
C GLY B 343 -1.76 -31.03 -3.29
N PHE B 344 -2.18 -31.65 -2.18
CA PHE B 344 -3.38 -32.48 -2.23
C PHE B 344 -4.62 -31.64 -2.47
N GLN B 345 -4.65 -30.41 -1.98
CA GLN B 345 -5.75 -29.51 -2.28
C GLN B 345 -5.60 -28.86 -3.65
N TRP B 346 -4.39 -28.87 -4.20
CA TRP B 346 -4.17 -28.33 -5.55
C TRP B 346 -4.47 -29.36 -6.62
N ARG B 347 -4.12 -30.63 -6.38
CA ARG B 347 -4.27 -31.67 -7.38
C ARG B 347 -5.51 -32.54 -7.18
N HIS B 348 -5.97 -32.72 -5.94
CA HIS B 348 -7.11 -33.59 -5.65
C HIS B 348 -8.00 -32.91 -4.61
N TYR B 349 -8.47 -31.71 -4.95
CA TYR B 349 -9.28 -30.94 -4.01
C TYR B 349 -10.59 -31.66 -3.69
N ASN B 350 -11.02 -31.53 -2.43
CA ASN B 350 -12.17 -32.27 -1.88
C ASN B 350 -11.87 -33.77 -2.00
N GLY B 351 -12.84 -34.59 -2.38
CA GLY B 351 -12.61 -36.02 -2.45
C GLY B 351 -12.59 -36.63 -1.06
N GLU B 352 -11.57 -37.44 -0.79
CA GLU B 352 -11.45 -38.12 0.49
C GLU B 352 -10.02 -38.62 0.64
N TYR B 353 -9.44 -38.39 1.82
CA TYR B 353 -8.08 -38.82 2.11
C TYR B 353 -8.09 -40.13 2.89
N LYS B 354 -7.33 -41.10 2.41
CA LYS B 354 -7.17 -42.39 3.09
C LYS B 354 -5.85 -42.44 3.84
N THR B 355 -4.78 -42.84 3.16
CA THR B 355 -3.44 -42.90 3.72
C THR B 355 -2.50 -42.14 2.78
N MET B 356 -1.20 -42.16 3.10
CA MET B 356 -0.26 -41.38 2.29
C MET B 356 0.23 -42.13 1.05
N HIS B 357 0.36 -43.46 1.13
CA HIS B 357 0.92 -44.25 0.03
C HIS B 357 -0.13 -44.99 -0.79
N ASP B 358 -1.29 -44.39 -1.05
CA ASP B 358 -2.28 -44.97 -1.94
C ASP B 358 -2.47 -44.04 -3.14
N ASP B 359 -3.23 -44.51 -4.13
CA ASP B 359 -3.36 -43.80 -5.41
C ASP B 359 -4.65 -42.98 -5.43
N TYR B 360 -4.50 -41.66 -5.43
CA TYR B 360 -5.60 -40.71 -5.54
C TYR B 360 -5.77 -40.20 -6.97
N THR B 361 -5.38 -41.00 -7.96
CA THR B 361 -5.45 -40.57 -9.36
C THR B 361 -6.90 -40.50 -9.81
N GLY B 362 -7.37 -39.29 -10.12
CA GLY B 362 -8.72 -39.10 -10.62
C GLY B 362 -9.75 -38.65 -9.60
N VAL B 363 -9.36 -38.51 -8.33
CA VAL B 363 -10.30 -38.11 -7.28
C VAL B 363 -10.24 -36.59 -7.12
N GLY B 364 -11.39 -36.01 -6.78
CA GLY B 364 -11.49 -34.58 -6.60
C GLY B 364 -11.30 -33.81 -7.90
N VAL B 365 -11.11 -32.51 -7.74
CA VAL B 365 -10.87 -31.59 -8.86
C VAL B 365 -9.40 -31.18 -8.83
N ASP B 366 -8.78 -31.16 -10.00
CA ASP B 366 -7.36 -30.81 -10.13
C ASP B 366 -7.30 -29.32 -10.47
N GLN B 367 -7.13 -28.50 -9.43
CA GLN B 367 -7.06 -27.05 -9.62
C GLN B 367 -5.83 -26.65 -10.43
N LEU B 368 -4.71 -27.33 -10.20
CA LEU B 368 -3.47 -26.96 -10.89
C LEU B 368 -3.57 -27.25 -12.39
N ALA B 369 -4.10 -28.42 -12.76
CA ALA B 369 -4.26 -28.73 -14.17
C ALA B 369 -5.33 -27.83 -14.80
N LYS B 370 -6.42 -27.58 -14.08
CA LYS B 370 -7.43 -26.66 -14.60
C LYS B 370 -6.87 -25.24 -14.72
N LEU B 371 -5.97 -24.86 -13.81
CA LEU B 371 -5.34 -23.55 -13.89
C LEU B 371 -4.46 -23.45 -15.14
N ILE B 372 -3.59 -24.45 -15.35
CA ILE B 372 -2.71 -24.42 -16.51
C ILE B 372 -3.52 -24.45 -17.81
N GLU B 373 -4.58 -25.25 -17.85
CA GLU B 373 -5.42 -25.31 -19.04
C GLU B 373 -6.09 -23.97 -19.32
N THR B 374 -6.57 -23.31 -18.27
CA THR B 374 -7.24 -22.02 -18.46
C THR B 374 -6.25 -20.88 -18.70
N LEU B 375 -5.00 -21.00 -18.23
CA LEU B 375 -4.04 -19.92 -18.44
C LEU B 375 -3.63 -19.79 -19.90
N LYS B 376 -3.63 -20.89 -20.65
CA LYS B 376 -3.22 -20.88 -22.04
C LYS B 376 -4.39 -20.84 -23.01
N ASN B 377 -5.57 -21.29 -22.59
CA ASN B 377 -6.75 -21.33 -23.44
C ASN B 377 -7.78 -20.27 -23.08
N ASN B 378 -7.60 -19.57 -21.97
CA ASN B 378 -8.51 -18.48 -21.58
C ASN B 378 -7.71 -17.48 -20.75
N PRO B 379 -6.75 -16.78 -21.38
CA PRO B 379 -5.85 -15.92 -20.59
C PRO B 379 -6.53 -14.70 -20.00
N LYS B 380 -7.51 -14.12 -20.70
CA LYS B 380 -8.21 -12.95 -20.20
C LYS B 380 -9.27 -13.28 -19.16
N ASP B 381 -9.34 -14.55 -18.73
CA ASP B 381 -10.30 -14.95 -17.71
C ASP B 381 -9.93 -14.34 -16.37
N ARG B 382 -10.83 -14.51 -15.39
CA ARG B 382 -10.60 -13.97 -14.06
C ARG B 382 -10.86 -15.02 -12.99
N ARG B 383 -10.70 -16.30 -13.33
CA ARG B 383 -10.92 -17.40 -12.41
C ARG B 383 -9.66 -18.24 -12.23
N HIS B 384 -8.50 -17.68 -12.57
CA HIS B 384 -7.22 -18.36 -12.40
C HIS B 384 -6.88 -18.36 -10.91
N ILE B 385 -7.56 -19.23 -10.16
CA ILE B 385 -7.47 -19.27 -8.71
C ILE B 385 -7.03 -20.66 -8.28
N LEU B 386 -6.07 -20.71 -7.36
CA LEU B 386 -5.58 -21.96 -6.78
C LEU B 386 -5.71 -21.84 -5.27
N THR B 387 -6.69 -22.55 -4.70
CA THR B 387 -6.94 -22.48 -3.27
C THR B 387 -6.46 -23.77 -2.59
N ALA B 388 -6.12 -23.64 -1.32
CA ALA B 388 -5.71 -24.78 -0.50
C ALA B 388 -6.39 -24.77 0.87
N TRP B 389 -7.39 -23.92 1.07
CA TRP B 389 -8.09 -23.82 2.35
C TRP B 389 -9.44 -24.51 2.20
N ASN B 390 -9.51 -25.76 2.69
CA ASN B 390 -10.73 -26.56 2.62
C ASN B 390 -11.35 -26.65 4.01
N PRO B 391 -12.47 -25.99 4.27
CA PRO B 391 -13.08 -26.07 5.61
C PRO B 391 -13.55 -27.46 5.99
N SER B 392 -13.81 -28.33 5.02
CA SER B 392 -14.26 -29.68 5.34
C SER B 392 -13.11 -30.55 5.86
N ALA B 393 -11.89 -30.31 5.38
CA ALA B 393 -10.73 -31.11 5.74
C ALA B 393 -9.73 -30.37 6.62
N LEU B 394 -10.17 -29.30 7.29
CA LEU B 394 -9.26 -28.51 8.11
C LEU B 394 -8.75 -29.31 9.30
N SER B 395 -9.63 -30.06 9.98
CA SER B 395 -9.27 -30.84 11.15
C SER B 395 -8.61 -32.16 10.79
N GLN B 396 -8.43 -32.44 9.50
CA GLN B 396 -7.76 -33.64 9.02
C GLN B 396 -6.34 -33.36 8.54
N MET B 397 -5.83 -32.16 8.78
CA MET B 397 -4.50 -31.75 8.36
C MET B 397 -3.55 -31.65 9.54
N ALA B 398 -2.27 -31.86 9.27
CA ALA B 398 -1.25 -31.69 10.30
C ALA B 398 -1.22 -30.25 10.78
N LEU B 399 -1.12 -29.31 9.84
CA LEU B 399 -1.11 -27.88 10.14
C LEU B 399 -1.98 -27.21 9.08
N PRO B 400 -2.91 -26.35 9.47
CA PRO B 400 -3.74 -25.67 8.48
C PRO B 400 -2.89 -24.83 7.55
N PRO B 401 -3.33 -24.65 6.30
CA PRO B 401 -2.47 -24.01 5.31
C PRO B 401 -2.22 -22.55 5.64
N CYS B 402 -1.05 -22.07 5.24
CA CYS B 402 -0.67 -20.67 5.40
C CYS B 402 -0.81 -19.89 4.10
N HIS B 403 -0.46 -20.51 2.97
CA HIS B 403 -0.69 -19.91 1.65
C HIS B 403 -2.06 -20.36 1.19
N VAL B 404 -3.09 -19.73 1.77
CA VAL B 404 -4.45 -20.21 1.61
C VAL B 404 -5.02 -19.93 0.23
N LEU B 405 -4.45 -18.99 -0.51
CA LEU B 405 -5.00 -18.62 -1.80
C LEU B 405 -3.91 -18.03 -2.69
N SER B 406 -3.99 -18.34 -3.98
CA SER B 406 -3.07 -17.76 -4.96
C SER B 406 -3.83 -17.57 -6.27
N GLN B 407 -3.82 -16.35 -6.78
CA GLN B 407 -4.50 -16.00 -8.02
C GLN B 407 -3.47 -15.56 -9.05
N TYR B 408 -3.71 -15.91 -10.31
CA TYR B 408 -2.76 -15.65 -11.38
C TYR B 408 -3.43 -14.82 -12.47
N TYR B 409 -2.61 -14.06 -13.18
CA TYR B 409 -3.10 -13.00 -14.06
C TYR B 409 -2.17 -12.88 -15.26
N VAL B 410 -2.75 -12.82 -16.45
CA VAL B 410 -1.98 -12.74 -17.69
C VAL B 410 -2.14 -11.34 -18.23
N THR B 411 -1.07 -10.56 -18.21
CA THR B 411 -1.11 -9.19 -18.70
C THR B 411 -1.24 -9.17 -20.22
N ASN B 412 -1.46 -7.96 -20.75
CA ASN B 412 -1.64 -7.81 -22.20
C ASN B 412 -0.35 -8.08 -22.97
N ASP B 413 0.81 -7.95 -22.33
CA ASP B 413 2.09 -8.23 -22.98
C ASP B 413 2.60 -9.63 -22.64
N ASN B 414 1.70 -10.58 -22.38
CA ASN B 414 2.04 -11.99 -22.17
C ASN B 414 3.00 -12.16 -21.00
N CYS B 415 2.57 -11.68 -19.84
CA CYS B 415 3.29 -11.87 -18.58
C CYS B 415 2.35 -12.46 -17.55
N LEU B 416 2.90 -13.36 -16.73
CA LEU B 416 2.12 -14.05 -15.70
C LEU B 416 2.45 -13.46 -14.34
N SER B 417 1.45 -12.86 -13.71
CA SER B 417 1.59 -12.29 -12.37
C SER B 417 0.88 -13.17 -11.36
N CYS B 418 1.15 -12.93 -10.08
CA CYS B 418 0.62 -13.78 -9.03
C CYS B 418 0.29 -12.95 -7.79
N ASN B 419 -0.90 -13.18 -7.24
CA ASN B 419 -1.29 -12.67 -5.93
C ASN B 419 -1.33 -13.83 -4.95
N LEU B 420 -0.84 -13.59 -3.75
CA LEU B 420 -0.83 -14.60 -2.68
C LEU B 420 -1.42 -14.00 -1.43
N TYR B 421 -2.35 -14.72 -0.81
CA TYR B 421 -2.89 -14.34 0.49
C TYR B 421 -2.42 -15.32 1.54
N GLN B 422 -1.82 -14.81 2.61
CA GLN B 422 -1.34 -15.61 3.72
C GLN B 422 -2.08 -15.17 4.97
N ARG B 423 -2.77 -16.11 5.62
CA ARG B 423 -3.42 -15.80 6.88
C ARG B 423 -2.40 -15.59 8.00
N SER B 424 -1.28 -16.33 7.94
CA SER B 424 -0.21 -16.19 8.92
C SER B 424 1.10 -16.16 8.17
N CYS B 425 2.09 -15.47 8.74
CA CYS B 425 3.39 -15.33 8.09
C CYS B 425 4.41 -14.85 9.12
N ASP B 426 5.29 -15.75 9.54
CA ASP B 426 6.43 -15.37 10.35
C ASP B 426 7.41 -14.61 9.46
N LEU B 427 7.60 -13.32 9.74
CA LEU B 427 8.49 -12.51 8.91
C LEU B 427 9.94 -12.96 9.03
N GLY B 428 10.32 -13.54 10.17
CA GLY B 428 11.69 -13.96 10.41
C GLY B 428 12.19 -15.03 9.45
N LEU B 429 11.48 -16.15 9.36
CA LEU B 429 11.90 -17.27 8.53
C LEU B 429 10.91 -17.63 7.44
N GLY B 430 9.63 -17.31 7.59
CA GLY B 430 8.63 -17.73 6.63
C GLY B 430 8.55 -16.86 5.40
N SER B 431 8.51 -15.54 5.59
CA SER B 431 8.35 -14.63 4.45
C SER B 431 9.49 -14.73 3.44
N PRO B 432 10.76 -14.71 3.84
CA PRO B 432 11.82 -14.88 2.82
C PRO B 432 11.70 -16.17 2.04
N PHE B 433 11.19 -17.22 2.67
CA PHE B 433 11.00 -18.49 1.99
C PHE B 433 9.76 -18.48 1.10
N ASN B 434 8.67 -17.84 1.57
CA ASN B 434 7.44 -17.80 0.79
C ASN B 434 7.61 -16.94 -0.45
N ILE B 435 8.34 -15.84 -0.34
CA ILE B 435 8.56 -14.96 -1.49
C ILE B 435 9.29 -15.72 -2.59
N ALA B 436 10.33 -16.46 -2.23
CA ALA B 436 11.10 -17.21 -3.23
C ALA B 436 10.30 -18.41 -3.73
N SER B 437 9.53 -19.05 -2.85
CA SER B 437 8.80 -20.25 -3.24
C SER B 437 7.76 -19.93 -4.32
N TYR B 438 6.94 -18.91 -4.10
CA TYR B 438 5.91 -18.55 -5.06
C TYR B 438 6.45 -17.78 -6.25
N ALA B 439 7.67 -17.23 -6.15
CA ALA B 439 8.30 -16.65 -7.32
C ALA B 439 8.78 -17.74 -8.28
N ILE B 440 9.41 -18.79 -7.75
CA ILE B 440 9.79 -19.92 -8.56
C ILE B 440 8.54 -20.56 -9.18
N LEU B 441 7.48 -20.72 -8.38
CA LEU B 441 6.25 -21.32 -8.89
C LEU B 441 5.68 -20.53 -10.06
N THR B 442 5.69 -19.20 -9.95
CA THR B 442 5.19 -18.38 -11.04
C THR B 442 6.08 -18.48 -12.28
N MET B 443 7.40 -18.57 -12.08
CA MET B 443 8.31 -18.72 -13.21
C MET B 443 8.13 -20.07 -13.89
N MET B 444 7.88 -21.12 -13.12
CA MET B 444 7.64 -22.43 -13.72
C MET B 444 6.32 -22.45 -14.48
N LEU B 445 5.26 -21.88 -13.89
CA LEU B 445 3.99 -21.80 -14.61
C LEU B 445 4.12 -20.95 -15.87
N ALA B 446 4.95 -19.91 -15.82
CA ALA B 446 5.08 -19.01 -16.98
C ALA B 446 5.75 -19.72 -18.15
N GLN B 447 6.75 -20.55 -17.88
CA GLN B 447 7.43 -21.24 -18.98
C GLN B 447 6.53 -22.28 -19.61
N VAL B 448 5.78 -23.04 -18.79
CA VAL B 448 4.90 -24.07 -19.32
C VAL B 448 3.82 -23.46 -20.19
N CYS B 449 3.27 -22.32 -19.78
CA CYS B 449 2.19 -21.67 -20.52
C CYS B 449 2.70 -20.78 -21.65
N GLY B 450 4.01 -20.59 -21.77
CA GLY B 450 4.55 -19.76 -22.83
C GLY B 450 4.56 -18.28 -22.53
N TYR B 451 4.59 -17.90 -21.25
CA TYR B 451 4.63 -16.51 -20.84
C TYR B 451 5.94 -16.20 -20.15
N GLU B 452 6.10 -14.94 -19.75
CA GLU B 452 7.24 -14.47 -18.98
C GLU B 452 6.77 -14.04 -17.60
N PRO B 453 7.62 -14.16 -16.58
CA PRO B 453 7.21 -13.75 -15.24
C PRO B 453 6.87 -12.27 -15.17
N GLY B 454 5.85 -11.95 -14.37
CA GLY B 454 5.39 -10.59 -14.22
C GLY B 454 5.69 -10.01 -12.85
N GLU B 455 4.65 -9.76 -12.07
CA GLU B 455 4.78 -9.22 -10.72
C GLU B 455 4.30 -10.26 -9.71
N LEU B 456 4.75 -10.07 -8.47
CA LEU B 456 4.34 -10.90 -7.35
C LEU B 456 3.84 -9.98 -6.25
N ALA B 457 2.69 -10.31 -5.66
CA ALA B 457 2.12 -9.54 -4.57
C ALA B 457 1.71 -10.47 -3.44
N ILE B 458 2.18 -10.17 -2.23
CA ILE B 458 1.89 -10.98 -1.05
C ILE B 458 0.94 -10.18 -0.17
N PHE B 459 -0.21 -10.78 0.15
CA PHE B 459 -1.16 -10.20 1.09
C PHE B 459 -1.12 -11.03 2.36
N ILE B 460 -0.87 -10.38 3.50
CA ILE B 460 -0.64 -11.07 4.76
C ILE B 460 -1.70 -10.63 5.76
N GLY B 461 -2.29 -11.61 6.45
CA GLY B 461 -3.23 -11.32 7.51
C GLY B 461 -2.52 -11.02 8.81
N ASP B 462 -2.13 -12.05 9.54
CA ASP B 462 -1.44 -11.89 10.83
C ASP B 462 0.06 -11.93 10.56
N ALA B 463 0.65 -10.75 10.32
CA ALA B 463 2.09 -10.63 10.15
C ALA B 463 2.73 -10.51 11.52
N HIS B 464 3.55 -11.49 11.88
CA HIS B 464 4.08 -11.59 13.23
C HIS B 464 5.59 -11.83 13.23
N ILE B 465 6.21 -11.52 14.36
CA ILE B 465 7.64 -11.67 14.59
C ILE B 465 7.83 -12.34 15.95
N TYR B 466 8.59 -13.44 15.97
CA TYR B 466 8.85 -14.11 17.23
C TYR B 466 9.78 -13.28 18.10
N GLU B 467 9.58 -13.37 19.42
CA GLU B 467 10.29 -12.51 20.37
C GLU B 467 11.77 -12.81 20.41
N ASN B 468 12.16 -14.06 20.17
CA ASN B 468 13.56 -14.45 20.23
C ASN B 468 14.35 -14.07 18.99
N HIS B 469 13.73 -13.38 18.03
CA HIS B 469 14.39 -12.95 16.81
C HIS B 469 14.67 -11.45 16.76
N LEU B 470 14.35 -10.71 17.84
CA LEU B 470 14.44 -9.25 17.79
C LEU B 470 15.86 -8.77 17.50
N THR B 471 16.83 -9.25 18.28
CA THR B 471 18.22 -8.82 18.08
C THR B 471 18.72 -9.18 16.69
N GLN B 472 18.28 -10.33 16.16
CA GLN B 472 18.75 -10.77 14.86
C GLN B 472 18.10 -10.01 13.72
N LEU B 473 16.80 -9.75 13.82
CA LEU B 473 16.11 -8.99 12.79
C LEU B 473 16.57 -7.54 12.74
N LYS B 474 16.97 -6.96 13.88
CA LYS B 474 17.49 -5.60 13.86
C LYS B 474 18.87 -5.54 13.24
N GLU B 475 19.58 -6.67 13.17
CA GLU B 475 20.84 -6.71 12.45
C GLU B 475 20.61 -6.71 10.95
N GLN B 476 19.60 -7.46 10.49
CA GLN B 476 19.25 -7.44 9.08
C GLN B 476 18.81 -6.04 8.63
N LEU B 477 18.17 -5.28 9.53
CA LEU B 477 17.72 -3.93 9.19
C LEU B 477 18.87 -2.93 9.13
N SER B 478 20.07 -3.30 9.58
CA SER B 478 21.21 -2.39 9.50
C SER B 478 22.00 -2.57 8.22
N ARG B 479 21.60 -3.51 7.36
CA ARG B 479 22.32 -3.83 6.14
C ARG B 479 21.62 -3.19 4.96
N THR B 480 22.36 -2.41 4.19
CA THR B 480 21.79 -1.82 2.98
C THR B 480 21.68 -2.90 1.91
N PRO B 481 20.50 -3.10 1.32
CA PRO B 481 20.32 -4.21 0.39
C PRO B 481 21.11 -4.00 -0.89
N ARG B 482 21.32 -5.12 -1.59
CA ARG B 482 22.07 -5.19 -2.83
C ARG B 482 21.13 -5.60 -3.97
N PRO B 483 21.56 -5.42 -5.22
CA PRO B 483 20.69 -5.79 -6.35
C PRO B 483 20.30 -7.26 -6.30
N PHE B 484 19.06 -7.54 -6.68
CA PHE B 484 18.54 -8.89 -6.66
C PHE B 484 19.30 -9.77 -7.67
N PRO B 485 19.37 -11.07 -7.41
CA PRO B 485 20.00 -11.98 -8.37
C PRO B 485 19.06 -12.25 -9.55
N GLN B 486 19.55 -13.07 -10.47
CA GLN B 486 18.75 -13.57 -11.58
C GLN B 486 18.53 -15.07 -11.40
N LEU B 487 17.33 -15.53 -11.70
CA LEU B 487 17.01 -16.95 -11.70
C LEU B 487 16.51 -17.32 -13.09
N LYS B 488 17.27 -18.18 -13.77
CA LYS B 488 16.93 -18.58 -15.13
C LYS B 488 16.92 -20.10 -15.21
N PHE B 489 16.11 -20.62 -16.14
CA PHE B 489 16.06 -22.04 -16.39
C PHE B 489 17.02 -22.41 -17.51
N LYS B 490 17.54 -23.64 -17.44
CA LYS B 490 18.50 -24.12 -18.43
C LYS B 490 17.79 -24.73 -19.64
N ARG B 491 16.95 -25.74 -19.41
CA ARG B 491 16.20 -26.39 -20.47
C ARG B 491 14.74 -25.96 -20.44
N LYS B 492 14.00 -26.40 -21.45
CA LYS B 492 12.57 -26.17 -21.56
C LYS B 492 11.85 -27.48 -21.26
N VAL B 493 11.01 -27.47 -20.22
CA VAL B 493 10.33 -28.69 -19.78
C VAL B 493 9.01 -28.84 -20.52
N GLU B 494 8.40 -30.02 -20.42
CA GLU B 494 7.13 -30.31 -21.08
C GLU B 494 5.94 -30.22 -20.13
N ASN B 495 6.08 -30.77 -18.92
CA ASN B 495 5.06 -30.67 -17.89
C ASN B 495 5.63 -30.00 -16.66
N ILE B 496 4.74 -29.48 -15.82
CA ILE B 496 5.16 -28.76 -14.62
C ILE B 496 5.86 -29.68 -13.62
N GLU B 497 5.67 -30.99 -13.74
CA GLU B 497 6.30 -31.94 -12.82
C GLU B 497 7.74 -32.25 -13.16
N ASP B 498 8.18 -31.97 -14.39
CA ASP B 498 9.51 -32.37 -14.85
C ASP B 498 10.61 -31.42 -14.41
N PHE B 499 10.31 -30.40 -13.62
CA PHE B 499 11.35 -29.48 -13.16
C PHE B 499 12.24 -30.15 -12.11
N LYS B 500 13.55 -29.94 -12.24
CA LYS B 500 14.52 -30.48 -11.31
C LYS B 500 15.52 -29.39 -10.93
N TRP B 501 16.23 -29.64 -9.83
CA TRP B 501 17.18 -28.64 -9.32
C TRP B 501 18.32 -28.40 -10.30
N GLU B 502 18.63 -29.37 -11.16
CA GLU B 502 19.67 -29.18 -12.16
C GLU B 502 19.30 -28.12 -13.20
N ASP B 503 18.01 -27.82 -13.36
CA ASP B 503 17.53 -26.89 -14.37
C ASP B 503 17.49 -25.45 -13.87
N ILE B 504 17.95 -25.18 -12.65
CA ILE B 504 17.87 -23.86 -12.03
C ILE B 504 19.27 -23.26 -11.98
N GLU B 505 19.39 -22.02 -12.44
CA GLU B 505 20.65 -21.30 -12.43
C GLU B 505 20.49 -19.99 -11.68
N LEU B 506 21.18 -19.86 -10.55
CA LEU B 506 21.16 -18.63 -9.75
C LEU B 506 22.41 -17.82 -10.07
N ILE B 507 22.22 -16.66 -10.70
CA ILE B 507 23.32 -15.85 -11.20
C ILE B 507 23.40 -14.57 -10.37
N GLY B 508 24.62 -14.21 -9.96
CA GLY B 508 24.85 -12.92 -9.35
C GLY B 508 24.25 -12.74 -7.97
N TYR B 509 24.14 -13.81 -7.20
CA TYR B 509 23.61 -13.72 -5.84
C TYR B 509 24.77 -13.41 -4.90
N TYR B 510 24.74 -12.21 -4.31
CA TYR B 510 25.79 -11.73 -3.42
C TYR B 510 25.14 -11.25 -2.12
N PRO B 511 24.67 -12.17 -1.29
CA PRO B 511 23.98 -11.76 -0.07
C PRO B 511 24.93 -11.46 1.08
N TYR B 512 24.40 -10.76 2.08
CA TYR B 512 25.07 -10.65 3.35
C TYR B 512 25.07 -12.03 4.02
N PRO B 513 25.96 -12.25 4.99
CA PRO B 513 26.03 -13.57 5.63
C PRO B 513 24.70 -13.97 6.26
N THR B 514 24.57 -15.28 6.50
CA THR B 514 23.35 -15.80 7.09
C THR B 514 23.15 -15.26 8.50
N ILE B 515 21.91 -15.32 8.97
CA ILE B 515 21.56 -14.96 10.33
C ILE B 515 20.85 -16.14 10.95
N LYS B 516 21.54 -16.85 11.85
CA LYS B 516 21.00 -18.06 12.47
C LYS B 516 19.86 -17.66 13.40
N MET B 517 18.62 -17.86 12.93
CA MET B 517 17.43 -17.62 13.74
C MET B 517 16.83 -18.97 14.10
N ASP B 518 16.94 -19.33 15.39
CA ASP B 518 16.44 -20.61 15.87
C ASP B 518 14.94 -20.55 16.12
N MET B 519 14.25 -21.65 15.81
CA MET B 519 12.82 -21.74 16.04
C MET B 519 12.52 -22.34 17.42
PA NDP C . -19.08 38.34 15.83
O1A NDP C . -18.59 38.34 14.40
O2A NDP C . -18.31 37.32 16.62
O5B NDP C . -18.87 39.71 16.49
C5B NDP C . -19.57 40.85 16.05
C4B NDP C . -19.35 42.07 16.84
O4B NDP C . -18.00 42.46 16.75
C3B NDP C . -20.12 43.21 16.36
O3B NDP C . -21.39 43.28 16.93
C2B NDP C . -19.31 44.32 16.78
O2B NDP C . -19.44 44.50 18.16
C1B NDP C . -17.96 43.86 16.50
N9A NDP C . -17.57 44.13 15.16
C8A NDP C . -17.69 43.29 14.09
N7A NDP C . -17.20 43.88 13.00
C5A NDP C . -16.75 45.14 13.35
C6A NDP C . -16.15 46.21 12.65
N6A NDP C . -15.89 46.08 11.19
N1A NDP C . -15.81 47.35 13.31
C2A NDP C . -16.06 47.45 14.64
N3A NDP C . -16.63 46.47 15.35
C4A NDP C . -16.99 45.28 14.72
O3 NDP C . -20.64 37.97 15.90
PN NDP C . -21.24 36.62 15.31
O1N NDP C . -22.73 36.54 15.65
O2N NDP C . -21.06 36.59 13.82
O5D NDP C . -20.50 35.35 16.01
C5D NDP C . -21.04 34.77 17.16
C4D NDP C . -21.55 33.40 17.05
O4D NDP C . -20.64 32.62 16.29
C3D NDP C . -21.66 32.76 18.37
O3D NDP C . -22.83 32.01 18.41
C2D NDP C . -20.54 31.89 18.45
O2D NDP C . -20.83 30.78 19.25
C1D NDP C . -20.30 31.51 17.04
N1N NDP C . -18.94 31.14 16.84
C2N NDP C . -18.68 29.93 16.31
C3N NDP C . -17.36 29.51 16.08
C7N NDP C . -17.13 28.13 15.47
O7N NDP C . -15.98 27.81 15.14
N7N NDP C . -18.21 27.22 15.27
C4N NDP C . -16.29 30.37 16.40
C5N NDP C . -16.60 31.62 16.96
C6N NDP C . -17.92 31.99 17.16
P2B NDP C . -19.92 45.83 18.80
O1X NDP C . -21.40 45.68 19.18
O2X NDP C . -19.13 46.12 20.00
O3X NDP C . -19.75 46.96 17.84
N1 MTX D . -13.56 25.05 16.97
C2 MTX D . -12.72 25.36 15.95
NA2 MTX D . -12.12 24.27 15.20
N3 MTX D . -12.43 26.62 15.62
C4 MTX D . -12.97 27.65 16.30
NA4 MTX D . -12.68 29.01 15.99
C4A MTX D . -13.85 27.38 17.37
N5 MTX D . -14.41 28.41 18.06
C6 MTX D . -15.25 28.12 19.07
C7 MTX D . -15.56 26.80 19.43
N8 MTX D . -15.00 25.80 18.72
C8A MTX D . -14.14 26.07 17.68
C9 MTX D . -15.85 29.27 19.83
N10 MTX D . -14.78 29.92 20.57
CM MTX D . -14.27 31.21 20.15
C11 MTX D . -13.04 27.80 23.80
C12 MTX D . -14.41 27.75 23.58
C13 MTX D . -14.98 28.44 22.52
C14 MTX D . -14.18 29.21 21.68
C15 MTX D . -12.81 29.24 21.88
C16 MTX D . -12.24 28.54 22.95
C MTX D . -12.40 27.04 24.94
O MTX D . -13.09 26.64 25.87
N MTX D . -10.98 26.79 24.97
CA MTX D . -10.41 26.06 26.08
CT MTX D . -9.00 26.49 26.22
O1 MTX D . -8.38 26.90 25.21
O2 MTX D . -8.43 26.44 27.36
CB MTX D . -10.42 24.62 25.73
CG MTX D . -10.67 23.61 26.81
CD MTX D . -10.28 22.19 26.49
OE1 MTX D . -9.07 21.89 26.47
OE2 MTX D . -11.12 21.42 25.96
PA NDP E . 42.45 7.72 -14.83
O1A NDP E . 42.14 8.20 -13.43
O2A NDP E . 41.18 7.64 -15.61
O5B NDP E . 43.37 8.72 -15.53
C5B NDP E . 44.70 8.87 -15.08
C4B NDP E . 45.56 9.76 -15.87
O4B NDP E . 45.11 11.09 -15.71
C3B NDP E . 46.95 9.73 -15.40
O3B NDP E . 47.72 8.84 -16.13
C2B NDP E . 47.39 11.09 -15.62
O2B NDP E . 47.79 11.30 -16.94
C1B NDP E . 46.22 11.89 -15.35
N9A NDP E . 46.18 12.25 -13.98
C8A NDP E . 45.60 11.57 -12.97
N7A NDP E . 45.78 12.23 -11.81
C5A NDP E . 46.49 13.38 -12.08
C6A NDP E . 46.98 14.46 -11.32
N6A NDP E . 46.72 14.48 -9.85
N1A NDP E . 47.67 15.47 -11.90
C2A NDP E . 47.89 15.43 -13.25
N3A NDP E . 47.44 14.44 -14.02
C4A NDP E . 46.74 13.39 -13.46
O3 NDP E . 43.15 6.29 -14.84
PN NDP E . 42.45 4.97 -14.30
O1N NDP E . 43.36 3.76 -14.55
O2N NDP E . 42.23 5.11 -12.80
O5D NDP E . 41.03 4.73 -15.07
C5D NDP E . 40.98 3.89 -16.20
C4D NDP E . 40.22 2.65 -16.10
O4D NDP E . 39.02 2.87 -15.37
C3D NDP E . 39.81 2.16 -17.43
O3D NDP E . 39.83 0.77 -17.44
C2D NDP E . 38.47 2.61 -17.57
O2D NDP E . 37.76 1.78 -18.44
C1D NDP E . 37.96 2.53 -16.18
N1N NDP E . 36.84 3.40 -15.99
C2N NDP E . 35.69 2.90 -15.50
C3N NDP E . 34.59 3.72 -15.28
C7N NDP E . 33.31 3.10 -14.72
O7N NDP E . 32.37 3.84 -14.41
N7N NDP E . 33.17 1.68 -14.56
C4N NDP E . 34.66 5.09 -15.57
C5N NDP E . 35.86 5.59 -16.09
C6N NDP E . 36.95 4.73 -16.29
P2B NDP E . 49.28 11.55 -17.29
O1X NDP E . 49.89 10.24 -17.83
O2X NDP E . 49.37 12.60 -18.31
O3X NDP E . 50.05 11.97 -16.07
N1 MTX F . 28.75 4.00 -16.37
C2 MTX F . 28.43 4.86 -15.39
NA2 MTX F . 27.21 4.66 -14.65
N3 MTX F . 29.22 5.90 -15.08
C4 MTX F . 30.37 6.11 -15.74
NA4 MTX F . 31.22 7.21 -15.42
C4A MTX F . 30.75 5.23 -16.78
N5 MTX F . 31.90 5.41 -17.46
C6 MTX F . 32.22 4.54 -18.45
C7 MTX F . 31.40 3.46 -18.78
N8 MTX F . 30.25 3.29 -18.08
C8A MTX F . 29.91 4.17 -17.07
C9 MTX F . 33.50 4.78 -19.19
N10 MTX F . 33.38 5.98 -19.98
CM MTX F . 34.08 7.18 -19.56
C11 MTX F . 30.72 5.98 -23.28
C12 MTX F . 31.54 4.87 -23.05
C13 MTX F . 32.41 4.87 -21.96
C14 MTX F . 32.48 5.98 -21.11
C15 MTX F . 31.67 7.08 -21.36
C16 MTX F . 30.80 7.09 -22.43
C MTX F . 29.76 6.04 -24.44
O MTX F . 29.84 5.24 -25.35
N MTX F . 28.72 7.05 -24.44
CA MTX F . 27.78 7.14 -25.53
CT MTX F . 27.31 8.54 -25.59
O1 MTX F . 27.39 9.27 -24.56
O2 MTX F . 26.82 9.02 -26.66
CB MTX F . 26.59 6.28 -25.24
CG MTX F . 25.90 5.58 -26.38
CD MTX F . 24.52 5.08 -26.12
OE1 MTX F . 23.57 5.90 -26.05
OE2 MTX F . 24.35 3.91 -25.69
#